data_2RCX
#
_entry.id   2RCX
#
_cell.length_a   118.378
_cell.length_b   76.937
_cell.length_c   97.254
_cell.angle_alpha   90.000
_cell.angle_beta   115.870
_cell.angle_gamma   90.000
#
_symmetry.space_group_name_H-M   'C 1 2 1'
#
loop_
_entity.id
_entity.type
_entity.pdbx_description
1 polymer Beta-lactamase
2 non-polymer '(1R)-1-(2-THIOPHEN-2-YL-ACETYLAMINO)-1-(3-(2-CARBOXYVINYL)-PHENYL) METHYLBORONIC ACID'
3 non-polymer 'PHOSPHATE ION'
4 water water
#
_entity_poly.entity_id   1
_entity_poly.type   'polypeptide(L)'
_entity_poly.pdbx_seq_one_letter_code
;APQQINDIVHRTITPLIEQQKIPGMAVAVIYQGKPYYFTWGYADIAKKQPVTQQTLFELGSVSKTFTGVLGGDAIARGEI
KLSDPTTKYWPELTAKQWNGITLLHLATYTAGGLPLQVPDEVKSSSDLLRFYQNWQPAWAPGTQRLYANSSIGLFGALAV
KPSGLSFEQAMQTRVFQPLKLNHTWINVPPAEEKNYAWGYREGKAVHVSPGALDAEAYGVKSTIEDMARWVQSNLKPLDI
NEKTLQQGIQLAQSRYWQTGDMYQGLGWEMLDWPVNPDSIINGSDNKIALAARPVKAITPPTPAVRASWVHKTGATGGFG
SYVAFIPEKELGIVMLANKNYPNPARVDAAWQILNALQ
;
_entity_poly.pdbx_strand_id   A,B
#
loop_
_chem_comp.id
_chem_comp.type
_chem_comp.name
_chem_comp.formula
PO4 non-polymer 'PHOSPHATE ION' 'O4 P -3'
SM4 non-polymer '(1R)-1-(2-THIOPHEN-2-YL-ACETYLAMINO)-1-(3-(2-CARBOXYVINYL)-PHENYL) METHYLBORONIC ACID' 'C16 H16 B N O5 S'
#
# COMPACT_ATOMS: atom_id res chain seq x y z
N ALA A 1 -19.37 31.92 1.50
CA ALA A 1 -19.87 30.50 1.59
C ALA A 1 -21.32 30.37 1.13
N PRO A 2 -21.68 29.21 0.53
CA PRO A 2 -23.09 28.86 0.35
C PRO A 2 -23.81 29.03 1.68
N GLN A 3 -25.01 29.59 1.66
CA GLN A 3 -25.74 29.86 2.89
C GLN A 3 -25.94 28.59 3.73
N GLN A 4 -26.05 27.43 3.08
CA GLN A 4 -26.18 26.15 3.78
C GLN A 4 -25.00 25.92 4.73
N ILE A 5 -23.78 26.09 4.20
CA ILE A 5 -22.57 25.95 5.00
C ILE A 5 -22.54 27.03 6.05
N ASN A 6 -22.78 28.29 5.66
CA ASN A 6 -22.83 29.38 6.65
C ASN A 6 -23.74 29.01 7.84
N ASP A 7 -24.95 28.55 7.52
CA ASP A 7 -25.95 28.32 8.55
C ASP A 7 -25.60 27.15 9.46
N ILE A 8 -25.20 26.00 8.93
CA ILE A 8 -24.88 24.87 9.85
C ILE A 8 -23.68 25.21 10.71
N VAL A 9 -22.69 25.87 10.13
CA VAL A 9 -21.48 26.20 10.89
C VAL A 9 -21.85 27.13 12.05
N HIS A 10 -22.48 28.25 11.74
CA HIS A 10 -22.87 29.21 12.78
C HIS A 10 -23.85 28.61 13.78
N ARG A 11 -24.86 27.90 13.29
CA ARG A 11 -25.84 27.24 14.17
C ARG A 11 -25.18 26.22 15.11
N THR A 12 -24.05 25.64 14.68
CA THR A 12 -23.35 24.62 15.50
C THR A 12 -22.27 25.25 16.39
N ILE A 13 -21.44 26.13 15.84
CA ILE A 13 -20.26 26.61 16.55
C ILE A 13 -20.60 27.68 17.59
N THR A 14 -21.53 28.54 17.26
CA THR A 14 -21.94 29.60 18.19
C THR A 14 -22.31 29.06 19.57
N PRO A 15 -23.25 28.09 19.65
CA PRO A 15 -23.55 27.38 20.89
C PRO A 15 -22.35 26.69 21.55
N LEU A 16 -21.51 26.02 20.74
CA LEU A 16 -20.28 25.40 21.25
C LEU A 16 -19.40 26.41 21.99
N ILE A 17 -19.10 27.52 21.33
CA ILE A 17 -18.23 28.53 21.92
C ILE A 17 -18.84 29.03 23.22
N GLU A 18 -20.16 29.18 23.24
CA GLU A 18 -20.86 29.67 24.46
C GLU A 18 -20.78 28.66 25.59
N GLN A 19 -21.17 27.41 25.33
CA GLN A 19 -21.16 26.40 26.37
C GLN A 19 -19.77 26.10 26.93
N GLN A 20 -18.78 26.11 26.03
CA GLN A 20 -17.42 25.71 26.37
C GLN A 20 -16.54 26.87 26.84
N LYS A 21 -17.08 28.09 26.71
CA LYS A 21 -16.36 29.34 27.01
C LYS A 21 -15.04 29.46 26.24
N ILE A 22 -15.08 29.18 24.95
CA ILE A 22 -13.89 29.22 24.11
C ILE A 22 -13.54 30.67 23.72
N PRO A 23 -12.33 31.15 24.05
CA PRO A 23 -11.99 32.57 23.77
C PRO A 23 -11.96 32.88 22.30
N GLY A 24 -11.41 31.94 21.51
CA GLY A 24 -11.27 32.12 20.10
C GLY A 24 -11.27 30.81 19.33
N MET A 25 -11.74 30.85 18.09
CA MET A 25 -11.91 29.65 17.30
C MET A 25 -11.86 30.01 15.83
N ALA A 26 -11.26 29.12 15.04
CA ALA A 26 -11.30 29.16 13.59
C ALA A 26 -11.80 27.80 13.13
N VAL A 27 -12.65 27.82 12.12
CA VAL A 27 -13.18 26.61 11.51
C VAL A 27 -13.01 26.75 10.01
N ALA A 28 -12.65 25.64 9.35
CA ALA A 28 -12.63 25.55 7.90
C ALA A 28 -13.53 24.38 7.55
N VAL A 29 -14.42 24.59 6.58
CA VAL A 29 -15.14 23.47 5.99
C VAL A 29 -14.63 23.29 4.59
N ILE A 30 -14.24 22.07 4.27
CA ILE A 30 -13.89 21.70 2.92
C ILE A 30 -15.11 21.04 2.31
N TYR A 31 -15.64 21.67 1.27
CA TYR A 31 -16.90 21.23 0.68
C TYR A 31 -16.69 21.15 -0.81
N GLN A 32 -16.87 19.95 -1.36
CA GLN A 32 -16.56 19.66 -2.76
C GLN A 32 -15.13 20.14 -3.08
N GLY A 33 -14.22 19.92 -2.13
CA GLY A 33 -12.82 20.35 -2.30
C GLY A 33 -12.53 21.86 -2.35
N LYS A 34 -13.42 22.67 -1.81
CA LYS A 34 -13.16 24.12 -1.70
C LYS A 34 -13.26 24.44 -0.23
N PRO A 35 -12.33 25.24 0.29
CA PRO A 35 -12.38 25.66 1.70
C PRO A 35 -13.26 26.87 1.98
N TYR A 36 -14.01 26.81 3.08
CA TYR A 36 -14.70 27.96 3.60
C TYR A 36 -14.27 28.22 5.04
N TYR A 37 -13.90 29.47 5.32
CA TYR A 37 -13.36 29.82 6.63
C TYR A 37 -14.30 30.61 7.51
N PHE A 38 -14.18 30.39 8.81
CA PHE A 38 -14.95 31.03 9.83
C PHE A 38 -14.07 31.32 11.01
N THR A 39 -14.24 32.50 11.62
CA THR A 39 -13.49 32.79 12.82
C THR A 39 -14.31 33.53 13.86
N TRP A 40 -13.96 33.36 15.13
CA TRP A 40 -14.66 34.02 16.22
C TRP A 40 -13.69 34.40 17.32
N GLY A 41 -13.94 35.55 17.95
CA GLY A 41 -13.36 35.80 19.23
C GLY A 41 -11.91 36.17 19.12
N TYR A 42 -11.18 35.83 20.17
CA TYR A 42 -9.84 36.37 20.44
C TYR A 42 -8.70 35.37 20.40
N ALA A 43 -7.69 35.72 19.59
CA ALA A 43 -6.39 35.07 19.63
C ALA A 43 -5.63 35.44 20.91
N ASP A 44 -5.81 36.68 21.36
CA ASP A 44 -5.13 37.23 22.55
C ASP A 44 -6.11 38.15 23.24
N ILE A 45 -6.68 37.69 24.36
CA ILE A 45 -7.66 38.46 25.12
C ILE A 45 -7.09 39.82 25.59
N ALA A 46 -5.98 39.76 26.33
CA ALA A 46 -5.28 40.93 26.85
C ALA A 46 -5.04 42.06 25.84
N LYS A 47 -4.56 41.70 24.65
CA LYS A 47 -4.24 42.67 23.61
C LYS A 47 -5.38 42.81 22.60
N LYS A 48 -6.53 42.19 22.89
CA LYS A 48 -7.72 42.31 22.06
C LYS A 48 -7.48 41.99 20.59
N GLN A 49 -6.65 40.97 20.34
CA GLN A 49 -6.30 40.57 18.98
C GLN A 49 -7.30 39.51 18.51
N PRO A 50 -7.99 39.74 17.37
CA PRO A 50 -9.05 38.81 17.00
C PRO A 50 -8.44 37.55 16.37
N VAL A 51 -9.17 36.44 16.38
CA VAL A 51 -8.81 35.31 15.53
C VAL A 51 -9.05 35.70 14.08
N THR A 52 -8.07 35.41 13.22
CA THR A 52 -8.21 35.64 11.78
C THR A 52 -7.78 34.35 11.08
N GLN A 53 -7.84 34.37 9.76
CA GLN A 53 -7.39 33.22 8.93
C GLN A 53 -5.87 32.99 8.99
N GLN A 54 -5.16 33.93 9.62
CA GLN A 54 -3.70 33.92 9.69
C GLN A 54 -3.22 33.57 11.11
N THR A 55 -4.16 33.44 12.03
CA THR A 55 -3.83 33.10 13.41
C THR A 55 -3.25 31.67 13.44
N LEU A 56 -2.15 31.50 14.17
CA LEU A 56 -1.54 30.21 14.45
C LEU A 56 -2.11 29.70 15.73
N PHE A 57 -2.51 28.43 15.71
CA PHE A 57 -2.94 27.68 16.89
C PHE A 57 -2.02 26.51 17.10
N GLU A 58 -1.85 26.10 18.36
CA GLU A 58 -1.20 24.83 18.65
C GLU A 58 -2.13 23.65 18.26
N LEU A 59 -1.67 22.81 17.32
CA LEU A 59 -2.41 21.61 16.91
C LEU A 59 -2.39 20.49 17.96
N GLY A 60 -1.44 20.55 18.89
CA GLY A 60 -1.25 19.43 19.82
C GLY A 60 -1.13 18.10 19.05
N SER A 61 -1.84 17.06 19.47
CA SER A 61 -1.71 15.74 18.80
C SER A 61 -2.19 15.59 17.37
N VAL A 62 -2.91 16.58 16.84
CA VAL A 62 -3.09 16.61 15.38
C VAL A 62 -1.73 16.62 14.65
N SER A 63 -0.69 17.11 15.32
CA SER A 63 0.68 16.96 14.82
C SER A 63 1.07 15.52 14.47
N LYS A 64 0.52 14.53 15.19
CA LYS A 64 0.79 13.13 14.86
C LYS A 64 0.43 12.75 13.45
N THR A 65 -0.56 13.44 12.85
CA THR A 65 -0.89 13.16 11.45
C THR A 65 0.24 13.59 10.48
N PHE A 66 0.91 14.70 10.79
CA PHE A 66 2.07 15.11 10.01
C PHE A 66 3.19 14.11 10.19
N THR A 67 3.45 13.70 11.44
CA THR A 67 4.46 12.65 11.73
C THR A 67 4.18 11.34 11.01
N GLY A 68 2.94 10.90 11.00
CA GLY A 68 2.57 9.69 10.31
C GLY A 68 2.77 9.77 8.82
N VAL A 69 2.39 10.91 8.22
CA VAL A 69 2.61 11.16 6.78
C VAL A 69 4.10 11.31 6.47
N LEU A 70 4.87 12.01 7.32
CA LEU A 70 6.31 12.11 7.08
C LEU A 70 6.96 10.70 7.14
N GLY A 71 6.48 9.86 8.05
CA GLY A 71 6.94 8.50 8.15
C GLY A 71 6.57 7.70 6.90
N GLY A 72 5.37 7.92 6.40
CA GLY A 72 4.90 7.24 5.19
C GLY A 72 5.75 7.62 3.99
N ASP A 73 6.13 8.89 3.93
CA ASP A 73 7.00 9.42 2.88
C ASP A 73 8.38 8.75 2.94
N ALA A 74 8.94 8.57 4.14
CA ALA A 74 10.20 7.83 4.34
C ALA A 74 10.12 6.38 3.85
N ILE A 75 9.01 5.71 4.14
CA ILE A 75 8.72 4.37 3.60
C ILE A 75 8.76 4.39 2.07
N ALA A 76 8.01 5.33 1.49
CA ALA A 76 7.90 5.47 0.04
C ALA A 76 9.26 5.74 -0.62
N ARG A 77 10.10 6.54 0.04
CA ARG A 77 11.48 6.79 -0.37
C ARG A 77 12.39 5.58 -0.24
N GLY A 78 11.89 4.48 0.33
CA GLY A 78 12.71 3.31 0.60
C GLY A 78 13.73 3.49 1.71
N GLU A 79 13.55 4.51 2.55
CA GLU A 79 14.48 4.79 3.65
C GLU A 79 14.27 3.92 4.89
N ILE A 80 13.03 3.53 5.15
CA ILE A 80 12.70 2.72 6.34
C ILE A 80 11.63 1.71 5.93
N LYS A 81 11.40 0.68 6.72
CA LYS A 81 10.22 -0.18 6.48
C LYS A 81 9.54 -0.30 7.81
N LEU A 82 8.21 -0.36 7.81
CA LEU A 82 7.46 -0.56 9.03
C LEU A 82 7.79 -1.92 9.66
N SER A 83 8.23 -2.86 8.83
CA SER A 83 8.62 -4.18 9.35
C SER A 83 10.03 -4.19 10.00
N ASP A 84 10.80 -3.11 9.85
CA ASP A 84 12.14 -3.03 10.47
C ASP A 84 12.09 -3.03 12.01
N PRO A 85 13.00 -3.79 12.64
CA PRO A 85 13.09 -3.69 14.10
C PRO A 85 13.48 -2.28 14.50
N THR A 86 12.99 -1.83 15.65
CA THR A 86 13.37 -0.51 16.19
C THR A 86 14.88 -0.39 16.28
N THR A 87 15.53 -1.47 16.72
CA THR A 87 16.97 -1.49 16.92
C THR A 87 17.81 -1.26 15.66
N LYS A 88 17.24 -1.55 14.49
CA LYS A 88 17.91 -1.19 13.23
C LYS A 88 18.29 0.29 13.13
N TYR A 89 17.47 1.16 13.74
CA TYR A 89 17.65 2.62 13.66
C TYR A 89 18.21 3.18 14.95
N TRP A 90 18.19 2.39 16.01
CA TRP A 90 18.78 2.79 17.27
C TRP A 90 19.50 1.59 17.90
N PRO A 91 20.68 1.24 17.37
CA PRO A 91 21.33 0.00 17.81
C PRO A 91 21.67 0.01 19.31
N GLU A 92 21.73 1.20 19.89
CA GLU A 92 21.98 1.39 21.33
C GLU A 92 20.82 0.94 22.23
N LEU A 93 19.64 0.68 21.64
CA LEU A 93 18.55 0.07 22.39
C LEU A 93 18.80 -1.41 22.48
N THR A 94 19.55 -1.83 23.50
CA THR A 94 20.02 -3.22 23.61
C THR A 94 19.23 -4.05 24.63
N ALA A 95 18.45 -3.40 25.48
CA ALA A 95 17.63 -4.11 26.45
C ALA A 95 16.71 -5.09 25.70
N LYS A 96 16.54 -6.30 26.25
CA LYS A 96 15.94 -7.40 25.47
C LYS A 96 14.43 -7.28 25.24
N GLN A 97 13.74 -6.43 26.01
CA GLN A 97 12.33 -6.11 25.74
C GLN A 97 12.07 -5.55 24.34
N TRP A 98 13.11 -4.99 23.71
CA TRP A 98 12.99 -4.38 22.39
C TRP A 98 13.01 -5.38 21.23
N ASN A 99 13.43 -6.61 21.53
CA ASN A 99 13.41 -7.72 20.56
C ASN A 99 11.98 -7.96 20.07
N GLY A 100 11.74 -7.76 18.79
CA GLY A 100 10.40 -7.95 18.24
C GLY A 100 9.52 -6.70 18.19
N ILE A 101 10.01 -5.56 18.71
CA ILE A 101 9.30 -4.29 18.57
C ILE A 101 9.75 -3.57 17.30
N THR A 102 8.83 -3.45 16.34
CA THR A 102 9.13 -2.85 15.06
C THR A 102 8.68 -1.36 14.96
N LEU A 103 9.12 -0.68 13.92
CA LEU A 103 8.65 0.68 13.61
C LEU A 103 7.12 0.73 13.53
N LEU A 104 6.50 -0.31 12.97
CA LEU A 104 5.04 -0.39 12.96
C LEU A 104 4.43 -0.25 14.37
N HIS A 105 4.96 -1.01 15.32
CA HIS A 105 4.42 -0.96 16.68
C HIS A 105 4.56 0.42 17.27
N LEU A 106 5.69 1.07 17.03
CA LEU A 106 5.92 2.45 17.53
C LEU A 106 4.89 3.41 16.94
N ALA A 107 4.75 3.36 15.64
CA ALA A 107 3.84 4.26 14.88
C ALA A 107 2.38 4.16 15.29
N THR A 108 1.97 2.98 15.77
CA THR A 108 0.55 2.62 15.97
C THR A 108 0.19 2.33 17.44
N TYR A 109 1.14 2.58 18.35
CA TYR A 109 0.92 2.52 19.80
C TYR A 109 0.75 1.07 20.27
N THR A 110 1.30 0.13 19.51
CA THR A 110 1.17 -1.29 19.81
C THR A 110 2.46 -1.94 20.26
N ALA A 111 3.44 -1.14 20.72
CA ALA A 111 4.73 -1.69 21.18
C ALA A 111 4.62 -2.52 22.47
N GLY A 112 3.57 -2.28 23.25
CA GLY A 112 3.38 -3.06 24.46
C GLY A 112 3.22 -2.23 25.71
N GLY A 113 2.64 -1.06 25.55
CA GLY A 113 2.37 -0.17 26.68
C GLY A 113 3.43 0.88 26.94
N LEU A 114 4.07 1.39 25.89
CA LEU A 114 4.85 2.62 26.01
C LEU A 114 4.00 3.72 26.62
N PRO A 115 4.55 4.51 27.53
CA PRO A 115 3.70 5.44 28.29
C PRO A 115 3.11 6.60 27.50
N LEU A 116 2.00 7.13 28.01
CA LEU A 116 1.29 8.22 27.35
C LEU A 116 2.23 9.44 27.18
N GLN A 117 2.99 9.75 28.22
CA GLN A 117 3.89 10.89 28.20
C GLN A 117 5.34 10.45 28.45
N VAL A 118 6.26 11.17 27.80
CA VAL A 118 7.65 11.04 28.10
C VAL A 118 7.78 11.84 29.40
N PRO A 119 8.43 11.29 30.44
CA PRO A 119 8.53 12.13 31.65
C PRO A 119 9.31 13.43 31.42
N ASP A 120 8.93 14.48 32.15
CA ASP A 120 9.60 15.77 32.16
C ASP A 120 11.11 15.74 32.37
N GLU A 121 11.58 14.77 33.17
CA GLU A 121 12.98 14.73 33.56
C GLU A 121 13.86 14.18 32.44
N VAL A 122 13.21 13.75 31.36
CA VAL A 122 13.89 13.25 30.19
C VAL A 122 14.16 14.42 29.23
N LYS A 123 15.42 14.80 29.11
CA LYS A 123 15.77 15.92 28.21
C LYS A 123 16.75 15.60 27.08
N SER A 124 17.95 15.14 27.43
CA SER A 124 19.01 14.88 26.45
C SER A 124 18.77 13.59 25.68
N SER A 125 19.55 13.38 24.61
CA SER A 125 19.51 12.13 23.87
C SER A 125 19.89 10.93 24.78
N SER A 126 20.76 11.17 25.76
CA SER A 126 21.15 10.11 26.69
C SER A 126 20.05 9.80 27.72
N ASP A 127 19.33 10.83 28.18
CA ASP A 127 18.12 10.68 29.02
C ASP A 127 17.05 9.83 28.33
N LEU A 128 16.85 10.09 27.06
CA LEU A 128 15.82 9.42 26.27
C LEU A 128 16.22 7.94 26.08
N LEU A 129 17.49 7.69 25.75
CA LEU A 129 17.98 6.30 25.63
C LEU A 129 17.73 5.52 26.92
N ARG A 130 18.10 6.12 28.05
CA ARG A 130 17.90 5.49 29.34
C ARG A 130 16.40 5.20 29.60
N PHE A 131 15.56 6.16 29.24
CA PHE A 131 14.14 6.01 29.40
C PHE A 131 13.59 4.76 28.67
N TYR A 132 13.89 4.62 27.39
CA TYR A 132 13.40 3.45 26.63
C TYR A 132 14.11 2.14 27.04
N GLN A 133 15.37 2.24 27.46
CA GLN A 133 16.11 1.06 27.95
C GLN A 133 15.47 0.50 29.20
N ASN A 134 15.02 1.40 30.07
CA ASN A 134 14.46 1.02 31.35
C ASN A 134 12.97 0.62 31.32
N TRP A 135 12.28 1.01 30.25
CA TRP A 135 10.84 0.76 30.09
C TRP A 135 10.52 -0.73 30.08
N GLN A 136 9.54 -1.13 30.88
CA GLN A 136 9.13 -2.54 30.90
C GLN A 136 7.75 -2.68 30.28
N PRO A 137 7.66 -3.37 29.13
CA PRO A 137 6.37 -3.58 28.49
C PRO A 137 5.40 -4.38 29.36
N ALA A 138 4.15 -3.96 29.34
CA ALA A 138 3.11 -4.66 30.05
C ALA A 138 2.71 -5.87 29.24
N TRP A 139 2.82 -5.75 27.91
CA TRP A 139 2.25 -6.71 26.99
C TRP A 139 3.26 -7.03 25.88
N ALA A 140 3.11 -8.21 25.30
CA ALA A 140 3.85 -8.55 24.10
C ALA A 140 3.54 -7.54 23.00
N PRO A 141 4.50 -7.35 22.06
CA PRO A 141 4.28 -6.39 20.98
C PRO A 141 3.11 -6.83 20.12
N GLY A 142 2.35 -5.86 19.60
CA GLY A 142 1.25 -6.12 18.70
C GLY A 142 0.00 -6.78 19.28
N THR A 143 -0.26 -6.58 20.57
CA THR A 143 -1.38 -7.23 21.20
C THR A 143 -2.39 -6.23 21.74
N GLN A 144 -1.88 -5.10 22.22
CA GLN A 144 -2.70 -4.05 22.81
C GLN A 144 -2.29 -2.67 22.31
N ARG A 145 -3.26 -1.80 22.12
CA ARG A 145 -3.04 -0.39 21.77
C ARG A 145 -3.17 0.47 23.02
N LEU A 146 -2.16 1.28 23.26
CA LEU A 146 -2.20 2.30 24.28
C LEU A 146 -1.64 3.55 23.64
N TYR A 147 -2.54 4.49 23.33
CA TYR A 147 -2.17 5.79 22.78
C TYR A 147 -1.06 6.43 23.60
N ALA A 148 0.00 6.88 22.94
CA ALA A 148 1.21 7.28 23.65
C ALA A 148 2.07 8.19 22.81
N ASN A 149 2.45 9.34 23.36
CA ASN A 149 3.41 10.22 22.70
C ASN A 149 4.79 9.60 22.53
N SER A 150 5.16 8.72 23.48
CA SER A 150 6.47 8.12 23.58
C SER A 150 6.58 7.02 22.54
N SER A 151 5.45 6.59 21.99
CA SER A 151 5.43 5.55 20.97
C SER A 151 5.59 6.18 19.60
N ILE A 152 4.59 6.97 19.18
CA ILE A 152 4.69 7.60 17.85
C ILE A 152 5.80 8.68 17.83
N GLY A 153 6.09 9.30 18.97
CA GLY A 153 7.19 10.26 19.06
C GLY A 153 8.49 9.64 18.62
N LEU A 154 8.79 8.44 19.14
CA LEU A 154 9.99 7.70 18.76
C LEU A 154 9.99 7.25 17.30
N PHE A 155 8.84 6.84 16.79
CA PHE A 155 8.73 6.47 15.39
C PHE A 155 9.19 7.64 14.54
N GLY A 156 8.74 8.85 14.91
CA GLY A 156 9.06 10.08 14.17
C GLY A 156 10.56 10.37 14.21
N ALA A 157 11.16 10.28 15.39
CA ALA A 157 12.62 10.47 15.51
C ALA A 157 13.42 9.46 14.67
N LEU A 158 12.97 8.22 14.64
CA LEU A 158 13.78 7.17 13.96
C LEU A 158 13.53 7.19 12.48
N ALA A 159 12.31 7.54 12.09
CA ALA A 159 11.94 7.49 10.69
C ALA A 159 12.78 8.44 9.85
N VAL A 160 13.26 9.53 10.45
CA VAL A 160 14.04 10.56 9.72
C VAL A 160 15.56 10.33 9.76
N LYS A 161 15.98 9.28 10.45
CA LYS A 161 17.41 9.04 10.65
C LYS A 161 18.16 8.74 9.36
N PRO A 162 17.64 7.83 8.50
CA PRO A 162 18.37 7.63 7.24
C PRO A 162 18.47 8.87 6.35
N SER A 163 17.47 9.75 6.38
CA SER A 163 17.46 10.98 5.57
C SER A 163 18.65 11.90 5.82
N GLY A 164 19.22 11.81 7.03
CA GLY A 164 20.32 12.67 7.46
C GLY A 164 19.87 14.02 8.02
N LEU A 165 18.56 14.28 7.93
CA LEU A 165 17.97 15.54 8.35
C LEU A 165 17.42 15.46 9.76
N SER A 166 17.35 16.62 10.41
CA SER A 166 16.62 16.74 11.66
C SER A 166 15.14 16.50 11.34
N PHE A 167 14.36 16.11 12.36
CA PHE A 167 12.92 15.93 12.17
C PHE A 167 12.27 17.21 11.58
N GLU A 168 12.57 18.37 12.15
CA GLU A 168 12.08 19.65 11.62
C GLU A 168 12.42 19.92 10.15
N GLN A 169 13.67 19.68 9.74
CA GLN A 169 14.06 19.88 8.34
C GLN A 169 13.41 18.87 7.42
N ALA A 170 13.34 17.60 7.83
CA ALA A 170 12.64 16.59 7.05
C ALA A 170 11.19 17.06 6.88
N MET A 171 10.52 17.44 7.98
CA MET A 171 9.12 17.91 7.89
C MET A 171 8.93 19.12 6.98
N GLN A 172 9.68 20.19 7.22
CA GLN A 172 9.73 21.36 6.32
C GLN A 172 9.93 21.02 4.85
N THR A 173 11.01 20.32 4.55
CA THR A 173 11.41 19.95 3.18
C THR A 173 10.48 18.99 2.49
N ARG A 174 9.96 18.01 3.22
CA ARG A 174 9.28 16.90 2.57
C ARG A 174 7.79 16.94 2.67
N VAL A 175 7.28 17.71 3.63
CA VAL A 175 5.84 17.82 3.83
C VAL A 175 5.30 19.25 3.71
N PHE A 176 5.76 20.15 4.58
CA PHE A 176 5.26 21.55 4.59
C PHE A 176 5.50 22.26 3.26
N GLN A 177 6.75 22.25 2.80
CA GLN A 177 7.11 22.99 1.57
C GLN A 177 6.39 22.49 0.32
N PRO A 178 6.42 21.17 0.01
CA PRO A 178 5.67 20.64 -1.13
C PRO A 178 4.17 20.92 -1.14
N LEU A 179 3.55 20.98 0.05
CA LEU A 179 2.13 21.20 0.17
C LEU A 179 1.77 22.68 0.37
N LYS A 180 2.77 23.55 0.32
CA LYS A 180 2.58 25.00 0.48
C LYS A 180 1.93 25.38 1.78
N LEU A 181 2.30 24.63 2.83
CA LEU A 181 1.92 24.96 4.18
C LEU A 181 3.02 25.92 4.65
N ASN A 182 2.90 27.17 4.18
CA ASN A 182 3.91 28.22 4.41
C ASN A 182 3.77 28.95 5.75
N HIS A 183 2.70 28.63 6.49
CA HIS A 183 2.48 29.21 7.81
C HIS A 183 2.21 28.09 8.84
N THR A 184 2.97 27.00 8.67
CA THR A 184 2.95 25.84 9.55
C THR A 184 4.37 25.62 10.06
N TRP A 185 4.49 25.51 11.38
CA TRP A 185 5.76 25.62 12.10
C TRP A 185 5.87 24.62 13.22
N ILE A 186 7.06 24.06 13.39
CA ILE A 186 7.40 23.29 14.59
C ILE A 186 7.89 24.30 15.64
N ASN A 187 8.64 25.29 15.17
CA ASN A 187 9.11 26.38 16.01
C ASN A 187 8.61 27.66 15.37
N VAL A 188 7.82 28.44 16.10
CA VAL A 188 7.24 29.64 15.52
C VAL A 188 8.33 30.72 15.38
N PRO A 189 8.58 31.19 14.16
CA PRO A 189 9.61 32.23 14.00
C PRO A 189 9.19 33.55 14.65
N PRO A 190 10.18 34.37 15.08
CA PRO A 190 9.84 35.70 15.62
C PRO A 190 8.92 36.54 14.69
N ALA A 191 9.13 36.45 13.38
CA ALA A 191 8.35 37.25 12.42
C ALA A 191 6.86 36.89 12.44
N GLU A 192 6.57 35.65 12.91
CA GLU A 192 5.19 35.12 12.92
C GLU A 192 4.50 35.19 14.27
N GLU A 193 5.21 35.67 15.29
CA GLU A 193 4.70 35.70 16.66
C GLU A 193 3.46 36.56 16.82
N LYS A 194 3.36 37.62 16.02
CA LYS A 194 2.18 38.49 15.94
C LYS A 194 0.91 37.70 15.66
N ASN A 195 1.04 36.57 14.99
CA ASN A 195 -0.10 35.73 14.66
C ASN A 195 -0.32 34.51 15.54
N TYR A 196 0.53 34.34 16.55
CA TYR A 196 0.48 33.17 17.40
C TYR A 196 -0.48 33.43 18.56
N ALA A 197 -1.65 32.77 18.50
CA ALA A 197 -2.63 32.88 19.56
C ALA A 197 -2.06 32.41 20.88
N TRP A 198 -2.59 32.95 21.97
CA TRP A 198 -2.34 32.42 23.29
C TRP A 198 -3.34 31.29 23.52
N GLY A 199 -2.91 30.24 24.22
CA GLY A 199 -3.86 29.26 24.73
C GLY A 199 -4.34 29.76 26.07
N TYR A 200 -5.48 29.24 26.51
CA TYR A 200 -6.07 29.66 27.79
C TYR A 200 -6.38 28.42 28.58
N ARG A 201 -5.74 28.34 29.74
CA ARG A 201 -5.98 27.28 30.69
C ARG A 201 -6.27 27.94 32.03
N GLU A 202 -7.46 27.69 32.56
CA GLU A 202 -7.94 28.34 33.79
C GLU A 202 -7.93 29.85 33.62
N GLY A 203 -8.16 30.33 32.39
CA GLY A 203 -8.06 31.76 32.10
C GLY A 203 -6.66 32.35 32.11
N LYS A 204 -5.64 31.52 32.31
CA LYS A 204 -4.27 32.00 32.14
C LYS A 204 -3.81 31.77 30.70
N ALA A 205 -3.16 32.77 30.10
CA ALA A 205 -2.53 32.66 28.76
C ALA A 205 -1.28 31.78 28.81
N VAL A 206 -1.25 30.75 27.95
CA VAL A 206 -0.21 29.75 28.00
C VAL A 206 0.18 29.32 26.60
N HIS A 207 1.44 28.93 26.45
CA HIS A 207 1.91 28.28 25.21
C HIS A 207 2.51 26.94 25.61
N VAL A 208 2.63 26.02 24.65
CA VAL A 208 3.17 24.68 24.93
C VAL A 208 4.65 24.80 25.36
N SER A 209 5.04 24.02 26.37
CA SER A 209 6.42 23.95 26.86
C SER A 209 7.27 22.97 26.07
N PRO A 210 8.59 23.27 25.92
CA PRO A 210 9.49 22.29 25.31
C PRO A 210 9.45 20.96 26.08
N GLY A 211 9.66 19.86 25.36
CA GLY A 211 9.60 18.53 25.94
C GLY A 211 10.28 17.60 24.96
N ALA A 212 10.82 16.50 25.47
CA ALA A 212 11.40 15.48 24.62
C ALA A 212 10.32 14.97 23.65
N LEU A 213 10.72 14.81 22.40
CA LEU A 213 9.86 14.34 21.32
C LEU A 213 8.63 15.17 21.12
N ASP A 214 8.69 16.45 21.52
CA ASP A 214 7.56 17.37 21.34
C ASP A 214 7.18 17.60 19.86
N ALA A 215 8.18 17.85 19.01
CA ALA A 215 7.95 18.06 17.57
C ALA A 215 7.18 16.90 16.94
N GLU A 216 7.56 15.70 17.34
CA GLU A 216 7.10 14.47 16.72
C GLU A 216 5.69 14.12 17.19
N ALA A 217 5.34 14.52 18.40
CA ALA A 217 4.09 14.03 18.99
C ALA A 217 3.03 15.10 19.15
N TYR A 218 3.42 16.37 19.36
CA TYR A 218 2.46 17.43 19.65
C TYR A 218 2.91 18.88 19.36
N GLY A 219 3.94 19.09 18.55
CA GLY A 219 4.52 20.41 18.47
C GLY A 219 4.33 21.28 17.24
N VAL A 220 3.35 20.96 16.41
CA VAL A 220 3.07 21.77 15.21
C VAL A 220 2.05 22.87 15.55
N LYS A 221 2.30 24.06 15.02
CA LYS A 221 1.41 25.20 15.11
C LYS A 221 1.02 25.56 13.64
N SER A 222 -0.25 25.88 13.40
CA SER A 222 -0.73 26.10 12.01
C SER A 222 -1.90 27.07 11.96
N THR A 223 -2.23 27.55 10.76
CA THR A 223 -3.33 28.46 10.55
C THR A 223 -4.50 27.64 10.04
N ILE A 224 -5.71 28.17 10.17
CA ILE A 224 -6.86 27.50 9.61
C ILE A 224 -6.68 27.30 8.10
N GLU A 225 -6.00 28.25 7.43
CA GLU A 225 -5.81 28.11 5.99
C GLU A 225 -4.89 26.94 5.63
N ASP A 226 -3.73 26.88 6.29
CA ASP A 226 -2.84 25.74 6.09
C ASP A 226 -3.49 24.41 6.46
N MET A 227 -4.24 24.38 7.54
CA MET A 227 -4.91 23.15 7.99
C MET A 227 -6.02 22.74 7.00
N ALA A 228 -6.72 23.72 6.41
CA ALA A 228 -7.63 23.41 5.27
C ALA A 228 -6.87 22.74 4.15
N ARG A 229 -5.71 23.29 3.82
CA ARG A 229 -4.84 22.72 2.82
C ARG A 229 -4.31 21.31 3.17
N TRP A 230 -3.94 21.12 4.42
CA TRP A 230 -3.62 19.78 4.91
C TRP A 230 -4.78 18.79 4.68
N VAL A 231 -6.01 19.19 5.07
CA VAL A 231 -7.19 18.37 4.83
C VAL A 231 -7.39 18.05 3.34
N GLN A 232 -7.26 19.05 2.46
CA GLN A 232 -7.43 18.82 1.02
C GLN A 232 -6.38 17.83 0.51
N SER A 233 -5.15 17.94 1.00
CA SER A 233 -4.05 17.05 0.58
C SER A 233 -4.34 15.63 1.02
N ASN A 234 -4.90 15.47 2.20
CA ASN A 234 -5.21 14.12 2.68
C ASN A 234 -6.50 13.56 2.09
N LEU A 235 -7.39 14.44 1.69
CA LEU A 235 -8.65 14.03 1.04
C LEU A 235 -8.38 13.48 -0.34
N LYS A 236 -7.45 14.14 -1.05
CA LYS A 236 -7.11 13.82 -2.44
C LYS A 236 -5.60 13.72 -2.67
N PRO A 237 -4.94 12.67 -2.17
CA PRO A 237 -3.46 12.61 -2.35
C PRO A 237 -3.03 12.49 -3.81
N LEU A 238 -3.93 12.07 -4.70
CA LEU A 238 -3.57 11.82 -6.08
C LEU A 238 -3.28 13.12 -6.86
N ASP A 239 -3.72 14.24 -6.30
CA ASP A 239 -3.44 15.57 -6.86
C ASP A 239 -2.06 16.08 -6.48
N ILE A 240 -1.40 15.39 -5.53
CA ILE A 240 -0.06 15.75 -5.07
C ILE A 240 0.99 15.22 -6.05
N ASN A 241 1.87 16.11 -6.49
CA ASN A 241 2.80 15.81 -7.57
C ASN A 241 4.04 15.06 -7.10
N GLU A 242 4.42 15.29 -5.85
CA GLU A 242 5.56 14.60 -5.25
C GLU A 242 5.18 13.16 -4.93
N LYS A 243 5.80 12.24 -5.67
CA LYS A 243 5.42 10.82 -5.66
C LYS A 243 5.49 10.17 -4.29
N THR A 244 6.59 10.37 -3.57
CA THR A 244 6.74 9.71 -2.26
C THR A 244 5.77 10.31 -1.23
N LEU A 245 5.44 11.58 -1.42
CA LEU A 245 4.52 12.27 -0.52
C LEU A 245 3.07 11.80 -0.75
N GLN A 246 2.67 11.69 -2.02
CA GLN A 246 1.37 11.11 -2.37
C GLN A 246 1.24 9.71 -1.74
N GLN A 247 2.27 8.90 -1.91
CA GLN A 247 2.29 7.55 -1.37
C GLN A 247 2.27 7.57 0.17
N GLY A 248 3.07 8.46 0.75
CA GLY A 248 3.12 8.59 2.20
C GLY A 248 1.78 8.90 2.86
N ILE A 249 1.04 9.85 2.27
CA ILE A 249 -0.34 10.15 2.68
C ILE A 249 -1.23 8.91 2.57
N GLN A 250 -1.07 8.16 1.49
CA GLN A 250 -1.86 6.96 1.32
C GLN A 250 -1.52 5.96 2.41
N LEU A 251 -0.22 5.78 2.70
CA LEU A 251 0.19 4.85 3.76
C LEU A 251 -0.29 5.23 5.16
N ALA A 252 -0.43 6.52 5.43
CA ALA A 252 -0.87 6.95 6.77
C ALA A 252 -2.34 6.68 7.04
N GLN A 253 -3.10 6.52 5.96
CA GLN A 253 -4.51 6.12 6.03
C GLN A 253 -4.75 4.64 5.77
N SER A 254 -3.71 3.82 5.72
CA SER A 254 -3.99 2.38 5.66
C SER A 254 -4.46 1.93 7.03
N ARG A 255 -5.19 0.82 7.08
CA ARG A 255 -5.70 0.35 8.35
C ARG A 255 -4.82 -0.78 8.88
N TYR A 256 -4.12 -0.53 9.98
CA TYR A 256 -3.10 -1.46 10.47
C TYR A 256 -3.63 -2.39 11.55
N TRP A 257 -4.53 -1.84 12.36
CA TRP A 257 -5.10 -2.53 13.54
C TRP A 257 -6.52 -2.11 13.68
N GLN A 258 -7.33 -2.95 14.31
CA GLN A 258 -8.70 -2.58 14.61
C GLN A 258 -8.93 -2.77 16.08
N THR A 259 -9.62 -1.82 16.69
CA THR A 259 -10.15 -2.00 18.03
C THR A 259 -11.54 -1.40 18.05
N GLY A 260 -12.54 -2.24 18.31
CA GLY A 260 -13.93 -1.83 18.21
C GLY A 260 -14.21 -1.53 16.74
N ASP A 261 -14.78 -0.37 16.47
CA ASP A 261 -15.03 0.00 15.08
C ASP A 261 -14.03 1.05 14.57
N MET A 262 -12.91 1.15 15.27
CA MET A 262 -11.86 2.09 14.90
C MET A 262 -10.63 1.35 14.36
N TYR A 263 -9.97 1.97 13.37
CA TYR A 263 -8.79 1.44 12.72
C TYR A 263 -7.67 2.43 12.90
N GLN A 264 -6.51 1.90 13.27
CA GLN A 264 -5.32 2.70 13.48
C GLN A 264 -4.53 2.83 12.18
N GLY A 265 -4.35 4.07 11.74
CA GLY A 265 -3.40 4.40 10.67
C GLY A 265 -2.09 4.92 11.22
N LEU A 266 -1.35 5.69 10.42
CA LEU A 266 -0.13 6.34 10.94
C LEU A 266 -0.56 7.76 11.32
N GLY A 267 -0.78 7.97 12.62
CA GLY A 267 -1.32 9.21 13.13
C GLY A 267 -2.83 9.36 12.90
N TRP A 268 -3.31 9.33 11.66
CA TRP A 268 -4.76 9.32 11.45
C TRP A 268 -5.38 8.08 12.12
N GLU A 269 -6.63 8.23 12.57
CA GLU A 269 -7.50 7.11 12.96
C GLU A 269 -8.75 7.15 12.06
N MET A 270 -9.38 6.00 11.85
CA MET A 270 -10.40 5.89 10.77
C MET A 270 -11.52 4.98 11.22
N LEU A 271 -12.73 5.27 10.76
CA LEU A 271 -13.89 4.40 10.97
C LEU A 271 -14.56 4.29 9.62
N ASP A 272 -15.27 3.20 9.34
CA ASP A 272 -16.11 3.17 8.14
C ASP A 272 -17.20 4.23 8.15
N TRP A 273 -17.35 4.90 7.02
CA TRP A 273 -18.46 5.81 6.79
C TRP A 273 -19.60 5.04 6.07
N PRO A 274 -20.88 5.27 6.45
CA PRO A 274 -21.39 6.13 7.53
C PRO A 274 -21.03 5.62 8.89
N VAL A 275 -20.72 6.54 9.80
CA VAL A 275 -20.29 6.16 11.12
C VAL A 275 -21.47 6.39 11.98
N ASN A 276 -21.52 5.65 13.06
CA ASN A 276 -22.46 5.92 14.11
C ASN A 276 -21.86 7.08 14.93
N PRO A 277 -22.56 8.23 14.97
CA PRO A 277 -22.04 9.44 15.66
C PRO A 277 -21.64 9.20 17.12
N ASP A 278 -22.46 8.45 17.85
CA ASP A 278 -22.17 8.00 19.22
C ASP A 278 -20.89 7.19 19.31
N SER A 279 -20.57 6.47 18.24
CA SER A 279 -19.35 5.68 18.19
C SER A 279 -18.08 6.55 18.06
N ILE A 280 -18.11 7.58 17.22
CA ILE A 280 -17.02 8.55 17.20
C ILE A 280 -17.09 9.56 18.36
N ILE A 281 -18.29 10.05 18.67
CA ILE A 281 -18.44 11.06 19.74
C ILE A 281 -17.92 10.49 21.06
N ASN A 282 -18.54 9.41 21.54
CA ASN A 282 -18.10 8.76 22.77
C ASN A 282 -16.66 8.21 22.62
N GLY A 283 -16.32 7.77 21.42
CA GLY A 283 -14.99 7.22 21.14
C GLY A 283 -13.86 8.22 21.30
N SER A 284 -14.15 9.49 21.01
CA SER A 284 -13.19 10.58 21.17
C SER A 284 -12.92 10.89 22.65
N ASP A 285 -13.88 10.57 23.51
CA ASP A 285 -13.71 10.85 24.93
C ASP A 285 -12.41 10.21 25.38
N ASN A 286 -11.66 10.97 26.18
CA ASN A 286 -10.33 10.59 26.61
C ASN A 286 -10.13 9.23 27.24
N LYS A 287 -11.04 8.74 28.07
CA LYS A 287 -10.74 7.39 28.59
C LYS A 287 -11.49 6.25 27.88
N ILE A 288 -11.90 6.55 26.65
CA ILE A 288 -11.95 5.55 25.60
C ILE A 288 -10.68 5.73 24.74
N ALA A 289 -10.46 6.95 24.23
CA ALA A 289 -9.31 7.28 23.38
C ALA A 289 -7.92 6.88 24.00
N LEU A 290 -7.79 7.08 25.31
CA LEU A 290 -6.51 6.89 26.01
C LEU A 290 -6.40 5.57 26.79
N ALA A 291 -7.41 4.69 26.66
CA ALA A 291 -7.49 3.39 27.38
C ALA A 291 -6.65 2.25 26.75
N ALA A 292 -6.25 1.24 27.52
CA ALA A 292 -5.57 0.09 26.94
C ALA A 292 -6.61 -0.83 26.28
N ARG A 293 -6.45 -1.14 25.00
CA ARG A 293 -7.43 -1.97 24.30
C ARG A 293 -6.74 -3.04 23.43
N PRO A 294 -7.21 -4.30 23.50
CA PRO A 294 -6.67 -5.33 22.60
C PRO A 294 -6.90 -4.94 21.14
N VAL A 295 -5.94 -5.24 20.29
CA VAL A 295 -6.07 -4.91 18.88
C VAL A 295 -6.05 -6.18 18.06
N LYS A 296 -6.78 -6.16 16.94
CA LYS A 296 -6.73 -7.23 15.98
C LYS A 296 -5.81 -6.72 14.88
N ALA A 297 -4.78 -7.48 14.51
CA ALA A 297 -3.94 -7.13 13.37
C ALA A 297 -4.75 -7.21 12.09
N ILE A 298 -4.51 -6.27 11.19
CA ILE A 298 -5.09 -6.30 9.85
C ILE A 298 -3.96 -6.75 8.91
N THR A 299 -4.07 -8.01 8.48
CA THR A 299 -2.93 -8.70 7.91
C THR A 299 -3.28 -9.16 6.50
N PRO A 300 -2.80 -8.45 5.46
CA PRO A 300 -1.99 -7.24 5.48
C PRO A 300 -2.91 -6.00 5.61
N PRO A 301 -2.32 -4.83 5.91
CA PRO A 301 -3.14 -3.64 6.09
C PRO A 301 -3.98 -3.29 4.87
N THR A 302 -5.18 -2.77 5.13
CA THR A 302 -6.10 -2.37 4.06
C THR A 302 -5.67 -1.01 3.59
N PRO A 303 -5.54 -0.81 2.25
CA PRO A 303 -5.13 0.50 1.78
C PRO A 303 -6.24 1.49 2.06
N ALA A 304 -5.88 2.79 2.12
CA ALA A 304 -6.84 3.85 2.41
C ALA A 304 -8.25 3.59 1.85
N VAL A 305 -9.24 3.49 2.73
CA VAL A 305 -10.62 3.30 2.31
C VAL A 305 -11.34 4.66 2.09
N ARG A 306 -11.75 4.94 0.85
CA ARG A 306 -12.44 6.20 0.55
C ARG A 306 -13.68 6.51 1.42
N ALA A 307 -14.50 5.49 1.68
CA ALA A 307 -15.69 5.63 2.53
C ALA A 307 -15.33 5.53 4.00
N SER A 308 -14.52 6.48 4.47
CA SER A 308 -14.06 6.50 5.85
C SER A 308 -14.28 7.86 6.42
N TRP A 309 -14.46 7.90 7.73
CA TRP A 309 -14.41 9.09 8.53
C TRP A 309 -12.99 9.00 9.07
N VAL A 310 -12.13 9.87 8.57
CA VAL A 310 -10.75 9.91 8.98
C VAL A 310 -10.60 11.12 9.91
N HIS A 311 -9.94 10.95 11.06
CA HIS A 311 -9.88 12.03 12.03
C HIS A 311 -8.69 11.96 13.02
N LYS A 312 -8.51 13.07 13.76
CA LYS A 312 -7.57 13.12 14.87
C LYS A 312 -7.97 14.30 15.76
N THR A 313 -8.03 14.04 17.07
CA THR A 313 -8.17 15.14 18.06
C THR A 313 -6.78 15.54 18.51
N GLY A 314 -6.66 16.78 18.99
CA GLY A 314 -5.35 17.20 19.50
C GLY A 314 -5.56 18.19 20.61
N ALA A 315 -4.65 18.18 21.58
CA ALA A 315 -4.72 19.10 22.68
C ALA A 315 -3.35 19.56 23.09
N THR A 316 -3.23 20.81 23.50
CA THR A 316 -2.12 21.20 24.39
C THR A 316 -2.78 21.75 25.65
N GLY A 317 -2.01 22.25 26.62
CA GLY A 317 -2.63 22.73 27.86
C GLY A 317 -3.67 23.84 27.62
N GLY A 318 -3.41 24.64 26.59
CA GLY A 318 -4.24 25.79 26.24
C GLY A 318 -4.99 25.76 24.93
N PHE A 319 -4.90 24.66 24.17
CA PHE A 319 -5.56 24.58 22.88
C PHE A 319 -6.28 23.24 22.69
N GLY A 320 -7.32 23.25 21.88
CA GLY A 320 -8.06 22.07 21.48
C GLY A 320 -8.33 22.14 20.00
N SER A 321 -7.94 21.09 19.28
CA SER A 321 -8.10 21.02 17.84
C SER A 321 -8.77 19.70 17.42
N TYR A 322 -9.31 19.69 16.22
CA TYR A 322 -9.95 18.51 15.65
C TYR A 322 -9.97 18.66 14.16
N VAL A 323 -9.66 17.55 13.49
CA VAL A 323 -9.70 17.45 12.05
C VAL A 323 -10.43 16.16 11.75
N ALA A 324 -11.33 16.21 10.76
CA ALA A 324 -12.05 15.03 10.31
C ALA A 324 -12.39 15.24 8.85
N PHE A 325 -12.32 14.17 8.08
CA PHE A 325 -12.68 14.23 6.68
C PHE A 325 -13.17 12.90 6.16
N ILE A 326 -13.93 12.98 5.07
CA ILE A 326 -14.52 11.80 4.42
C ILE A 326 -14.08 11.81 2.96
N PRO A 327 -13.04 11.04 2.62
CA PRO A 327 -12.52 11.08 1.26
C PRO A 327 -13.54 10.91 0.13
N GLU A 328 -14.46 9.96 0.28
CA GLU A 328 -15.43 9.69 -0.77
C GLU A 328 -16.45 10.84 -1.01
N LYS A 329 -16.60 11.77 -0.05
CA LYS A 329 -17.55 12.89 -0.18
C LYS A 329 -16.84 14.21 -0.46
N GLU A 330 -15.52 14.15 -0.65
CA GLU A 330 -14.66 15.36 -0.76
C GLU A 330 -15.02 16.41 0.32
N LEU A 331 -15.28 15.93 1.53
CA LEU A 331 -15.82 16.72 2.62
C LEU A 331 -14.92 16.65 3.86
N GLY A 332 -14.68 17.79 4.47
CA GLY A 332 -13.82 17.84 5.64
C GLY A 332 -14.02 19.03 6.52
N ILE A 333 -13.45 18.95 7.70
CA ILE A 333 -13.55 20.06 8.66
C ILE A 333 -12.28 20.13 9.52
N VAL A 334 -11.96 21.37 9.92
CA VAL A 334 -10.92 21.70 10.86
C VAL A 334 -11.55 22.64 11.85
N MET A 335 -11.33 22.33 13.12
CA MET A 335 -11.75 23.17 14.24
C MET A 335 -10.55 23.44 15.15
N LEU A 336 -10.14 24.71 15.22
CA LEU A 336 -8.95 25.12 16.01
C LEU A 336 -9.40 26.07 17.08
N ALA A 337 -9.13 25.78 18.34
CA ALA A 337 -9.57 26.65 19.43
C ALA A 337 -8.43 26.88 20.41
N ASN A 338 -8.40 28.04 21.08
CA ASN A 338 -7.39 28.31 22.08
C ASN A 338 -7.93 28.11 23.50
N LYS A 339 -8.73 27.04 23.64
CA LYS A 339 -9.03 26.39 24.88
C LYS A 339 -9.08 24.86 24.63
N ASN A 340 -8.53 24.09 25.56
CA ASN A 340 -8.65 22.65 25.51
C ASN A 340 -10.00 22.23 26.11
N TYR A 341 -11.01 22.07 25.28
CA TYR A 341 -12.35 21.69 25.75
C TYR A 341 -12.61 20.21 25.39
N PRO A 342 -13.63 19.58 25.99
CA PRO A 342 -13.75 18.12 25.87
C PRO A 342 -13.90 17.60 24.44
N ASN A 343 -13.20 16.53 24.11
CA ASN A 343 -13.24 15.91 22.77
C ASN A 343 -14.66 15.60 22.27
N PRO A 344 -15.53 15.03 23.14
CA PRO A 344 -16.85 14.68 22.60
C PRO A 344 -17.59 15.89 22.02
N ALA A 345 -17.42 17.06 22.67
CA ALA A 345 -18.03 18.30 22.17
C ALA A 345 -17.50 18.65 20.77
N ARG A 346 -16.20 18.41 20.54
CA ARG A 346 -15.58 18.63 19.22
C ARG A 346 -16.19 17.71 18.17
N VAL A 347 -16.17 16.41 18.44
CA VAL A 347 -16.62 15.42 17.45
C VAL A 347 -18.12 15.60 17.15
N ASP A 348 -18.87 16.02 18.16
CA ASP A 348 -20.32 16.25 18.09
C ASP A 348 -20.63 17.37 17.09
N ALA A 349 -19.97 18.50 17.29
CA ALA A 349 -20.07 19.65 16.38
C ALA A 349 -19.62 19.33 14.96
N ALA A 350 -18.46 18.66 14.83
CA ALA A 350 -17.97 18.24 13.50
C ALA A 350 -18.98 17.34 12.81
N TRP A 351 -19.46 16.33 13.54
CA TRP A 351 -20.49 15.41 13.03
C TRP A 351 -21.73 16.17 12.57
N GLN A 352 -22.29 17.04 13.41
CA GLN A 352 -23.48 17.84 13.03
C GLN A 352 -23.26 18.59 11.72
N ILE A 353 -22.10 19.25 11.59
CA ILE A 353 -21.73 19.99 10.37
C ILE A 353 -21.55 19.11 9.14
N LEU A 354 -20.75 18.06 9.25
CA LEU A 354 -20.48 17.24 8.08
C LEU A 354 -21.68 16.39 7.68
N ASN A 355 -22.43 15.89 8.65
CA ASN A 355 -23.65 15.12 8.30
C ASN A 355 -24.66 15.96 7.49
N ALA A 356 -24.88 17.19 7.94
CA ALA A 356 -25.74 18.18 7.29
C ALA A 356 -25.36 18.48 5.84
N LEU A 357 -24.08 18.38 5.53
CA LEU A 357 -23.53 18.77 4.23
C LEU A 357 -23.29 17.58 3.33
N GLN A 358 -23.40 16.38 3.91
CA GLN A 358 -22.97 15.16 3.24
C GLN A 358 -24.02 14.72 2.24
N ALA B 1 16.46 0.20 -33.28
CA ALA B 1 17.10 -0.27 -32.02
C ALA B 1 18.59 0.06 -31.99
N PRO B 2 19.04 0.76 -30.92
CA PRO B 2 20.48 0.98 -30.78
C PRO B 2 21.30 -0.29 -31.01
N GLN B 3 22.49 -0.10 -31.56
CA GLN B 3 23.43 -1.17 -31.88
C GLN B 3 23.72 -2.03 -30.65
N GLN B 4 23.78 -1.42 -29.46
CA GLN B 4 24.14 -2.14 -28.25
C GLN B 4 23.08 -3.19 -27.87
N ILE B 5 21.81 -2.83 -28.04
CA ILE B 5 20.69 -3.75 -27.84
C ILE B 5 20.70 -4.83 -28.92
N ASN B 6 20.75 -4.43 -30.19
CA ASN B 6 20.81 -5.42 -31.28
C ASN B 6 21.94 -6.44 -31.08
N ASP B 7 23.12 -5.94 -30.70
CA ASP B 7 24.30 -6.77 -30.44
C ASP B 7 24.05 -7.80 -29.34
N ILE B 8 23.70 -7.35 -28.13
CA ILE B 8 23.51 -8.30 -27.03
C ILE B 8 22.33 -9.26 -27.26
N VAL B 9 21.27 -8.80 -27.91
CA VAL B 9 20.12 -9.68 -28.14
C VAL B 9 20.51 -10.79 -29.12
N HIS B 10 21.04 -10.38 -30.28
CA HIS B 10 21.51 -11.30 -31.32
C HIS B 10 22.52 -12.31 -30.79
N ARG B 11 23.48 -11.86 -29.97
CA ARG B 11 24.49 -12.78 -29.46
C ARG B 11 23.98 -13.71 -28.35
N THR B 12 22.85 -13.38 -27.73
CA THR B 12 22.31 -14.19 -26.63
C THR B 12 21.11 -15.07 -27.06
N ILE B 13 20.11 -14.46 -27.70
CA ILE B 13 18.89 -15.20 -28.05
C ILE B 13 19.08 -16.15 -29.23
N THR B 14 19.75 -15.65 -30.26
CA THR B 14 19.94 -16.45 -31.48
C THR B 14 20.61 -17.80 -31.20
N PRO B 15 21.73 -17.79 -30.42
CA PRO B 15 22.32 -19.04 -29.88
C PRO B 15 21.43 -19.87 -28.99
N LEU B 16 20.64 -19.23 -28.10
CA LEU B 16 19.67 -19.94 -27.26
C LEU B 16 18.67 -20.70 -28.14
N ILE B 17 18.13 -20.04 -29.17
CA ILE B 17 17.16 -20.69 -30.06
C ILE B 17 17.75 -21.98 -30.67
N GLU B 18 19.01 -21.89 -31.10
CA GLU B 18 19.68 -23.03 -31.73
C GLU B 18 19.90 -24.15 -30.73
N GLN B 19 20.37 -23.79 -29.53
CA GLN B 19 20.66 -24.77 -28.47
C GLN B 19 19.42 -25.55 -28.02
N GLN B 20 18.27 -24.87 -28.01
CA GLN B 20 17.04 -25.38 -27.41
C GLN B 20 16.07 -25.88 -28.47
N LYS B 21 16.40 -25.57 -29.73
CA LYS B 21 15.62 -26.01 -30.89
C LYS B 21 14.21 -25.38 -30.80
N ILE B 22 14.21 -24.06 -30.60
CA ILE B 22 12.96 -23.30 -30.51
C ILE B 22 12.43 -22.94 -31.89
N PRO B 23 11.22 -23.44 -32.24
CA PRO B 23 10.67 -23.18 -33.58
C PRO B 23 10.40 -21.71 -33.87
N GLY B 24 9.88 -20.97 -32.89
CA GLY B 24 9.64 -19.56 -33.10
C GLY B 24 9.80 -18.79 -31.79
N MET B 25 10.15 -17.52 -31.91
CA MET B 25 10.43 -16.76 -30.71
C MET B 25 10.27 -15.29 -30.96
N ALA B 26 9.74 -14.61 -29.95
CA ALA B 26 9.72 -13.16 -29.95
C ALA B 26 10.28 -12.64 -28.66
N VAL B 27 10.96 -11.51 -28.76
CA VAL B 27 11.59 -10.89 -27.60
C VAL B 27 11.33 -9.41 -27.69
N ALA B 28 11.05 -8.80 -26.54
CA ALA B 28 10.97 -7.35 -26.45
C ALA B 28 11.98 -6.93 -25.42
N VAL B 29 12.72 -5.85 -25.70
CA VAL B 29 13.57 -5.23 -24.68
C VAL B 29 13.02 -3.85 -24.45
N ILE B 30 12.78 -3.54 -23.19
CA ILE B 30 12.39 -2.20 -22.81
C ILE B 30 13.66 -1.57 -22.29
N TYR B 31 14.07 -0.48 -22.94
CA TYR B 31 15.31 0.19 -22.63
C TYR B 31 14.94 1.65 -22.53
N GLN B 32 15.29 2.27 -21.41
CA GLN B 32 14.88 3.65 -21.10
C GLN B 32 13.39 3.85 -21.39
N GLY B 33 12.59 2.87 -20.97
CA GLY B 33 11.15 2.95 -21.13
C GLY B 33 10.59 2.67 -22.51
N LYS B 34 11.43 2.58 -23.54
CA LYS B 34 10.98 2.32 -24.94
C LYS B 34 11.19 0.86 -25.34
N PRO B 35 10.22 0.26 -26.07
CA PRO B 35 10.35 -1.12 -26.52
C PRO B 35 11.07 -1.32 -27.84
N TYR B 36 11.80 -2.43 -27.91
CA TYR B 36 12.54 -2.87 -29.11
C TYR B 36 12.19 -4.32 -29.32
N TYR B 37 11.92 -4.72 -30.57
CA TYR B 37 11.33 -6.04 -30.86
C TYR B 37 12.18 -6.92 -31.75
N PHE B 38 12.10 -8.22 -31.51
CA PHE B 38 12.95 -9.19 -32.18
C PHE B 38 12.15 -10.43 -32.41
N THR B 39 12.24 -10.97 -33.62
CA THR B 39 11.48 -12.17 -34.00
C THR B 39 12.36 -13.13 -34.74
N TRP B 40 12.08 -14.40 -34.55
CA TRP B 40 12.77 -15.48 -35.19
C TRP B 40 11.78 -16.61 -35.43
N GLY B 41 11.94 -17.29 -36.56
CA GLY B 41 11.37 -18.62 -36.71
C GLY B 41 9.91 -18.59 -37.05
N TYR B 42 9.25 -19.71 -36.75
CA TYR B 42 7.89 -19.95 -37.19
C TYR B 42 6.88 -19.97 -36.03
N ALA B 43 5.76 -19.26 -36.20
CA ALA B 43 4.57 -19.45 -35.35
C ALA B 43 3.88 -20.81 -35.61
N ASP B 44 3.94 -21.24 -36.87
CA ASP B 44 3.29 -22.45 -37.34
C ASP B 44 4.27 -23.10 -38.35
N ILE B 45 4.88 -24.22 -37.97
CA ILE B 45 5.94 -24.86 -38.77
C ILE B 45 5.40 -25.35 -40.14
N ALA B 46 4.40 -26.23 -40.10
CA ALA B 46 3.72 -26.73 -41.32
C ALA B 46 3.29 -25.65 -42.31
N LYS B 47 2.60 -24.61 -41.83
CA LYS B 47 2.19 -23.52 -42.73
C LYS B 47 3.33 -22.52 -42.98
N LYS B 48 4.49 -22.80 -42.37
CA LYS B 48 5.65 -21.90 -42.41
C LYS B 48 5.24 -20.43 -42.18
N GLN B 49 4.40 -20.21 -41.17
CA GLN B 49 3.99 -18.87 -40.80
C GLN B 49 5.04 -18.25 -39.85
N PRO B 50 5.56 -17.07 -40.21
CA PRO B 50 6.61 -16.44 -39.42
C PRO B 50 6.07 -15.86 -38.11
N VAL B 51 6.88 -15.87 -37.05
CA VAL B 51 6.58 -15.08 -35.87
C VAL B 51 6.55 -13.61 -36.28
N THR B 52 5.48 -12.91 -35.93
CA THR B 52 5.45 -11.46 -36.09
C THR B 52 5.17 -10.79 -34.75
N GLN B 53 5.13 -9.46 -34.78
CA GLN B 53 4.77 -8.66 -33.61
C GLN B 53 3.30 -8.86 -33.20
N GLN B 54 2.52 -9.45 -34.11
CA GLN B 54 1.12 -9.75 -33.89
C GLN B 54 0.89 -11.21 -33.51
N THR B 55 1.95 -12.00 -33.38
CA THR B 55 1.76 -13.42 -33.06
C THR B 55 1.40 -13.58 -31.58
N LEU B 56 0.36 -14.39 -31.29
CA LEU B 56 -0.08 -14.63 -29.91
C LEU B 56 0.53 -15.91 -29.37
N PHE B 57 1.14 -15.81 -28.18
CA PHE B 57 1.76 -16.97 -27.52
C PHE B 57 1.00 -17.26 -26.25
N GLU B 58 1.01 -18.51 -25.83
CA GLU B 58 0.48 -18.85 -24.53
C GLU B 58 1.48 -18.39 -23.48
N LEU B 59 1.03 -17.53 -22.57
CA LEU B 59 1.89 -17.07 -21.47
C LEU B 59 2.12 -18.10 -20.37
N GLY B 60 1.25 -19.10 -20.28
CA GLY B 60 1.29 -20.01 -19.13
C GLY B 60 1.19 -19.22 -17.81
N SER B 61 2.01 -19.59 -16.82
CA SER B 61 2.01 -18.96 -15.46
C SER B 61 2.42 -17.48 -15.36
N VAL B 62 2.96 -16.93 -16.43
CA VAL B 62 3.07 -15.48 -16.52
C VAL B 62 1.68 -14.81 -16.41
N SER B 63 0.65 -15.58 -16.74
CA SER B 63 -0.75 -15.21 -16.51
C SER B 63 -1.03 -14.85 -15.04
N LYS B 64 -0.36 -15.50 -14.09
CA LYS B 64 -0.51 -15.19 -12.67
C LYS B 64 -0.22 -13.73 -12.38
N THR B 65 0.63 -13.09 -13.19
CA THR B 65 0.91 -11.68 -12.95
C THR B 65 -0.30 -10.80 -13.28
N PHE B 66 -1.04 -11.17 -14.33
CA PHE B 66 -2.34 -10.52 -14.60
C PHE B 66 -3.34 -10.77 -13.48
N THR B 67 -3.41 -12.00 -13.01
CA THR B 67 -4.31 -12.33 -11.90
C THR B 67 -3.92 -11.52 -10.64
N GLY B 68 -2.63 -11.39 -10.37
CA GLY B 68 -2.18 -10.61 -9.19
C GLY B 68 -2.59 -9.14 -9.30
N VAL B 69 -2.42 -8.58 -10.49
CA VAL B 69 -2.77 -7.17 -10.77
C VAL B 69 -4.29 -6.92 -10.76
N LEU B 70 -5.04 -7.85 -11.32
CA LEU B 70 -6.53 -7.77 -11.20
C LEU B 70 -7.00 -7.85 -9.74
N GLY B 71 -6.34 -8.71 -8.97
CA GLY B 71 -6.65 -8.76 -7.56
C GLY B 71 -6.26 -7.46 -6.88
N GLY B 72 -5.09 -6.92 -7.25
CA GLY B 72 -4.64 -5.64 -6.71
C GLY B 72 -5.64 -4.53 -7.00
N ASP B 73 -6.10 -4.48 -8.24
CA ASP B 73 -7.19 -3.57 -8.65
C ASP B 73 -8.50 -3.72 -7.82
N ALA B 74 -8.94 -4.96 -7.56
CA ALA B 74 -10.13 -5.22 -6.75
C ALA B 74 -9.96 -4.74 -5.30
N ILE B 75 -8.74 -4.84 -4.79
CA ILE B 75 -8.43 -4.30 -3.45
C ILE B 75 -8.57 -2.78 -3.50
N ALA B 76 -7.97 -2.17 -4.52
CA ALA B 76 -7.98 -0.72 -4.69
C ALA B 76 -9.40 -0.18 -4.82
N ARG B 77 -10.25 -0.94 -5.52
CA ARG B 77 -11.68 -0.68 -5.69
C ARG B 77 -12.49 -0.84 -4.40
N GLY B 78 -11.85 -1.36 -3.34
CA GLY B 78 -12.54 -1.60 -2.08
C GLY B 78 -13.46 -2.81 -2.10
N GLU B 79 -13.32 -3.64 -3.14
CA GLU B 79 -14.20 -4.81 -3.33
C GLU B 79 -13.77 -6.03 -2.53
N ILE B 80 -12.46 -6.20 -2.35
CA ILE B 80 -11.93 -7.26 -1.49
C ILE B 80 -10.83 -6.72 -0.57
N LYS B 81 -10.51 -7.49 0.47
CA LYS B 81 -9.31 -7.27 1.28
C LYS B 81 -8.56 -8.59 1.41
N LEU B 82 -7.23 -8.50 1.31
CA LEU B 82 -6.36 -9.68 1.44
C LEU B 82 -6.41 -10.24 2.84
N SER B 83 -6.81 -9.40 3.80
CA SER B 83 -6.99 -9.84 5.19
C SER B 83 -8.26 -10.63 5.41
N ASP B 84 -9.19 -10.60 4.45
CA ASP B 84 -10.47 -11.31 4.60
C ASP B 84 -10.33 -12.84 4.48
N PRO B 85 -11.11 -13.59 5.30
CA PRO B 85 -11.22 -15.02 5.21
C PRO B 85 -11.66 -15.41 3.81
N THR B 86 -11.14 -16.52 3.30
CA THR B 86 -11.56 -17.07 2.02
C THR B 86 -13.06 -17.27 2.01
N THR B 87 -13.59 -17.70 3.15
CA THR B 87 -15.01 -18.01 3.35
CA THR B 87 -15.01 -18.02 3.29
C THR B 87 -15.96 -16.81 3.14
N LYS B 88 -15.44 -15.60 3.27
CA LYS B 88 -16.24 -14.40 3.01
C LYS B 88 -16.74 -14.34 1.55
N TYR B 89 -15.92 -14.80 0.61
CA TYR B 89 -16.24 -14.73 -0.80
C TYR B 89 -16.68 -16.08 -1.36
N TRP B 90 -16.58 -17.12 -0.54
CA TRP B 90 -17.12 -18.43 -0.87
C TRP B 90 -17.84 -18.98 0.37
N PRO B 91 -19.05 -18.44 0.67
CA PRO B 91 -19.73 -18.87 1.90
C PRO B 91 -19.95 -20.37 1.99
N GLU B 92 -20.00 -21.05 0.83
CA GLU B 92 -20.22 -22.51 0.74
C GLU B 92 -19.00 -23.35 1.18
N LEU B 93 -17.85 -22.69 1.29
CA LEU B 93 -16.65 -23.36 1.78
C LEU B 93 -16.59 -23.35 3.34
N THR B 94 -17.22 -24.35 3.94
CA THR B 94 -17.51 -24.34 5.39
C THR B 94 -16.63 -25.28 6.24
N ALA B 95 -15.86 -26.13 5.58
CA ALA B 95 -15.04 -27.08 6.28
C ALA B 95 -14.00 -26.36 7.16
N LYS B 96 -13.75 -26.94 8.31
CA LYS B 96 -13.06 -26.28 9.40
C LYS B 96 -11.62 -25.91 9.09
N GLN B 97 -10.95 -26.68 8.25
CA GLN B 97 -9.53 -26.42 7.87
C GLN B 97 -9.35 -25.08 7.18
N TRP B 98 -10.45 -24.49 6.71
CA TRP B 98 -10.42 -23.19 6.07
C TRP B 98 -10.39 -22.01 7.06
N ASN B 99 -10.64 -22.28 8.35
CA ASN B 99 -10.60 -21.20 9.34
C ASN B 99 -9.22 -20.53 9.33
N GLY B 100 -9.20 -19.22 9.16
CA GLY B 100 -7.92 -18.52 9.12
C GLY B 100 -7.14 -18.53 7.82
N ILE B 101 -7.67 -19.13 6.76
CA ILE B 101 -7.06 -19.06 5.45
C ILE B 101 -7.66 -17.85 4.71
N THR B 102 -6.81 -16.87 4.45
CA THR B 102 -7.26 -15.59 3.95
C THR B 102 -6.97 -15.51 2.46
N LEU B 103 -7.50 -14.47 1.81
CA LEU B 103 -7.17 -14.21 0.43
C LEU B 103 -5.68 -13.98 0.27
N LEU B 104 -5.04 -13.34 1.24
CA LEU B 104 -3.55 -13.22 1.19
C LEU B 104 -2.86 -14.60 1.00
N HIS B 105 -3.25 -15.57 1.81
CA HIS B 105 -2.70 -16.95 1.73
C HIS B 105 -2.88 -17.57 0.34
N LEU B 106 -4.08 -17.45 -0.23
CA LEU B 106 -4.34 -17.99 -1.57
C LEU B 106 -3.45 -17.35 -2.63
N ALA B 107 -3.39 -16.03 -2.58
CA ALA B 107 -2.71 -15.24 -3.60
C ALA B 107 -1.22 -15.51 -3.61
N THR B 108 -0.67 -15.83 -2.45
CA THR B 108 0.79 -15.96 -2.25
C THR B 108 1.30 -17.38 -1.95
N TYR B 109 0.42 -18.36 -2.15
CA TYR B 109 0.74 -19.79 -2.05
C TYR B 109 1.07 -20.22 -0.62
N THR B 110 0.51 -19.53 0.37
CA THR B 110 0.89 -19.76 1.76
C THR B 110 -0.26 -20.27 2.59
N ALA B 111 -1.29 -20.81 1.95
CA ALA B 111 -2.47 -21.34 2.66
C ALA B 111 -2.19 -22.61 3.49
N GLY B 112 -1.14 -23.33 3.14
CA GLY B 112 -0.75 -24.52 3.88
C GLY B 112 -0.67 -25.74 2.99
N GLY B 113 -0.26 -25.53 1.76
CA GLY B 113 0.04 -26.65 0.89
C GLY B 113 -1.07 -27.09 -0.04
N LEU B 114 -1.86 -26.13 -0.50
CA LEU B 114 -2.73 -26.36 -1.64
C LEU B 114 -1.93 -26.89 -2.82
N PRO B 115 -2.48 -27.87 -3.56
CA PRO B 115 -1.68 -28.57 -4.58
C PRO B 115 -1.25 -27.77 -5.80
N LEU B 116 -0.08 -28.14 -6.32
CA LEU B 116 0.48 -27.54 -7.52
C LEU B 116 -0.54 -27.46 -8.66
N GLN B 117 -1.29 -28.54 -8.86
CA GLN B 117 -2.29 -28.57 -9.90
C GLN B 117 -3.61 -28.88 -9.23
N VAL B 118 -4.67 -28.33 -9.81
CA VAL B 118 -6.01 -28.84 -9.57
C VAL B 118 -6.07 -30.14 -10.37
N PRO B 119 -6.43 -31.26 -9.70
CA PRO B 119 -6.62 -32.56 -10.38
C PRO B 119 -7.40 -32.42 -11.70
N ASP B 120 -6.98 -33.18 -12.72
CA ASP B 120 -7.56 -33.13 -14.07
C ASP B 120 -9.06 -33.46 -14.10
N GLU B 121 -9.49 -34.30 -13.15
CA GLU B 121 -10.86 -34.81 -13.11
C GLU B 121 -11.84 -33.76 -12.55
N VAL B 122 -11.29 -32.78 -11.83
CA VAL B 122 -12.05 -31.61 -11.34
C VAL B 122 -12.37 -30.68 -12.51
N LYS B 123 -13.67 -30.55 -12.79
CA LYS B 123 -14.14 -29.77 -13.92
C LYS B 123 -15.15 -28.67 -13.49
N SER B 124 -16.31 -29.12 -13.01
CA SER B 124 -17.47 -28.27 -12.68
C SER B 124 -17.27 -27.53 -11.39
N SER B 125 -18.11 -26.54 -11.15
CA SER B 125 -18.08 -25.79 -9.91
C SER B 125 -18.34 -26.68 -8.70
N SER B 126 -19.19 -27.70 -8.86
CA SER B 126 -19.46 -28.60 -7.74
C SER B 126 -18.26 -29.52 -7.44
N ASP B 127 -17.55 -29.96 -8.48
CA ASP B 127 -16.29 -30.70 -8.34
C ASP B 127 -15.28 -29.82 -7.62
N LEU B 128 -15.26 -28.54 -7.96
CA LEU B 128 -14.30 -27.60 -7.39
C LEU B 128 -14.57 -27.34 -5.92
N LEU B 129 -15.83 -27.13 -5.56
CA LEU B 129 -16.18 -27.03 -4.15
C LEU B 129 -15.75 -28.27 -3.36
N ARG B 130 -16.07 -29.46 -3.86
CA ARG B 130 -15.74 -30.71 -3.18
C ARG B 130 -14.22 -30.83 -2.99
N PHE B 131 -13.46 -30.60 -4.06
CA PHE B 131 -11.99 -30.59 -4.01
C PHE B 131 -11.48 -29.72 -2.85
N TYR B 132 -11.88 -28.45 -2.82
CA TYR B 132 -11.50 -27.56 -1.71
C TYR B 132 -12.06 -27.94 -0.35
N GLN B 133 -13.32 -28.38 -0.28
CA GLN B 133 -13.87 -28.86 1.00
C GLN B 133 -13.15 -30.07 1.59
N ASN B 134 -12.60 -30.91 0.73
CA ASN B 134 -11.95 -32.17 1.15
C ASN B 134 -10.44 -32.00 1.36
N TRP B 135 -9.88 -30.92 0.80
CA TRP B 135 -8.45 -30.65 0.91
C TRP B 135 -8.01 -30.54 2.36
N GLN B 136 -6.93 -31.25 2.68
CA GLN B 136 -6.33 -31.22 4.01
C GLN B 136 -4.91 -30.64 3.97
N PRO B 137 -4.66 -29.56 4.74
CA PRO B 137 -3.36 -28.87 4.68
C PRO B 137 -2.14 -29.68 5.12
N ALA B 138 -1.03 -29.45 4.44
CA ALA B 138 0.27 -30.02 4.87
C ALA B 138 0.87 -29.25 6.04
N TRP B 139 0.51 -27.96 6.18
CA TRP B 139 1.06 -27.02 7.16
C TRP B 139 -0.01 -26.00 7.58
N ALA B 140 0.23 -25.28 8.67
CA ALA B 140 -0.66 -24.22 9.12
C ALA B 140 -0.59 -23.05 8.13
N PRO B 141 -1.62 -22.19 8.10
CA PRO B 141 -1.61 -21.05 7.16
C PRO B 141 -0.49 -20.08 7.50
N GLY B 142 0.10 -19.48 6.48
CA GLY B 142 1.10 -18.43 6.66
C GLY B 142 2.47 -18.91 7.13
N THR B 143 2.78 -20.17 6.88
CA THR B 143 4.09 -20.73 7.36
C THR B 143 4.99 -21.23 6.23
N GLN B 144 4.41 -21.77 5.17
CA GLN B 144 5.18 -22.31 4.03
C GLN B 144 4.65 -21.81 2.70
N ARG B 145 5.55 -21.51 1.77
CA ARG B 145 5.18 -21.19 0.42
C ARG B 145 5.30 -22.45 -0.44
N LEU B 146 4.20 -22.86 -1.06
CA LEU B 146 4.25 -23.95 -2.03
C LEU B 146 3.57 -23.46 -3.28
N TYR B 147 4.35 -23.16 -4.30
CA TYR B 147 3.82 -22.64 -5.55
C TYR B 147 2.71 -23.57 -6.02
N ALA B 148 1.59 -22.99 -6.44
CA ALA B 148 0.37 -23.78 -6.64
C ALA B 148 -0.65 -23.06 -7.51
N ASN B 149 -1.06 -23.72 -8.59
CA ASN B 149 -2.15 -23.22 -9.43
C ASN B 149 -3.44 -23.19 -8.63
N SER B 150 -3.64 -24.16 -7.75
CA SER B 150 -4.89 -24.22 -7.00
C SER B 150 -4.99 -23.14 -5.91
N SER B 151 -3.86 -22.48 -5.62
CA SER B 151 -3.89 -21.41 -4.64
C SER B 151 -4.25 -20.08 -5.30
N ILE B 152 -3.37 -19.56 -6.14
CA ILE B 152 -3.64 -18.30 -6.82
C ILE B 152 -4.83 -18.41 -7.78
N GLY B 153 -5.06 -19.60 -8.35
CA GLY B 153 -6.23 -19.84 -9.22
C GLY B 153 -7.50 -19.50 -8.46
N LEU B 154 -7.61 -19.97 -7.22
CA LEU B 154 -8.77 -19.67 -6.39
C LEU B 154 -8.84 -18.20 -5.98
N PHE B 155 -7.70 -17.61 -5.64
CA PHE B 155 -7.66 -16.19 -5.36
C PHE B 155 -8.31 -15.42 -6.50
N GLY B 156 -7.93 -15.75 -7.74
CA GLY B 156 -8.42 -15.03 -8.92
C GLY B 156 -9.91 -15.13 -9.07
N ALA B 157 -10.43 -16.34 -8.90
CA ALA B 157 -11.86 -16.58 -9.00
C ALA B 157 -12.62 -15.84 -7.89
N LEU B 158 -12.12 -15.85 -6.66
CA LEU B 158 -12.82 -15.18 -5.58
C LEU B 158 -12.69 -13.67 -5.63
N ALA B 159 -11.56 -13.15 -6.16
CA ALA B 159 -11.27 -11.69 -6.18
C ALA B 159 -12.33 -10.91 -6.97
N VAL B 160 -12.89 -11.55 -7.99
CA VAL B 160 -13.85 -10.89 -8.89
C VAL B 160 -15.32 -11.08 -8.48
N LYS B 161 -15.56 -11.91 -7.47
CA LYS B 161 -16.92 -12.23 -7.03
C LYS B 161 -17.72 -10.98 -6.61
N PRO B 162 -17.14 -10.07 -5.79
CA PRO B 162 -17.91 -8.84 -5.49
C PRO B 162 -18.32 -7.98 -6.70
N SER B 163 -17.49 -7.95 -7.74
CA SER B 163 -17.81 -7.21 -8.96
C SER B 163 -18.99 -7.83 -9.72
N GLY B 164 -19.25 -9.11 -9.48
CA GLY B 164 -20.29 -9.82 -10.23
C GLY B 164 -19.89 -10.18 -11.65
N LEU B 165 -18.74 -9.68 -12.10
CA LEU B 165 -18.24 -10.04 -13.42
C LEU B 165 -17.62 -11.44 -13.44
N SER B 166 -17.61 -12.08 -14.60
CA SER B 166 -16.79 -13.27 -14.80
C SER B 166 -15.32 -12.85 -14.71
N PHE B 167 -14.44 -13.81 -14.43
CA PHE B 167 -13.01 -13.50 -14.34
C PHE B 167 -12.53 -12.92 -15.68
N GLU B 168 -12.97 -13.52 -16.77
CA GLU B 168 -12.60 -13.00 -18.12
C GLU B 168 -13.05 -11.58 -18.39
N GLN B 169 -14.30 -11.23 -18.07
CA GLN B 169 -14.79 -9.86 -18.28
C GLN B 169 -14.10 -8.88 -17.35
N ALA B 170 -13.86 -9.29 -16.11
CA ALA B 170 -13.11 -8.43 -15.18
C ALA B 170 -11.71 -8.15 -15.74
N MET B 171 -11.01 -9.19 -16.15
CA MET B 171 -9.67 -9.00 -16.72
C MET B 171 -9.66 -8.12 -17.99
N GLN B 172 -10.56 -8.41 -18.92
CA GLN B 172 -10.68 -7.55 -20.12
C GLN B 172 -10.94 -6.09 -19.81
N THR B 173 -11.96 -5.81 -19.01
CA THR B 173 -12.41 -4.45 -18.82
C THR B 173 -11.58 -3.69 -17.80
N ARG B 174 -10.96 -4.40 -16.84
CA ARG B 174 -10.22 -3.72 -15.77
C ARG B 174 -8.72 -3.67 -16.00
N VAL B 175 -8.19 -4.59 -16.81
CA VAL B 175 -6.76 -4.70 -17.03
C VAL B 175 -6.35 -4.56 -18.51
N PHE B 176 -6.84 -5.46 -19.36
CA PHE B 176 -6.44 -5.50 -20.76
C PHE B 176 -6.78 -4.19 -21.48
N GLN B 177 -8.03 -3.74 -21.33
CA GLN B 177 -8.51 -2.56 -22.06
C GLN B 177 -7.92 -1.24 -21.62
N PRO B 178 -7.87 -0.97 -20.30
CA PRO B 178 -7.29 0.33 -19.99
C PRO B 178 -5.80 0.45 -20.38
N LEU B 179 -5.10 -0.68 -20.42
CA LEU B 179 -3.70 -0.70 -20.82
C LEU B 179 -3.51 -0.89 -22.30
N LYS B 180 -4.63 -1.01 -23.02
CA LYS B 180 -4.62 -1.07 -24.48
C LYS B 180 -3.88 -2.29 -24.98
N LEU B 181 -4.13 -3.42 -24.31
CA LEU B 181 -3.61 -4.72 -24.76
C LEU B 181 -4.66 -5.30 -25.70
N ASN B 182 -4.60 -4.83 -26.95
CA ASN B 182 -5.64 -5.09 -27.95
C ASN B 182 -5.57 -6.44 -28.66
N HIS B 183 -4.56 -7.23 -28.30
CA HIS B 183 -4.36 -8.56 -28.87
C HIS B 183 -3.98 -9.56 -27.77
N THR B 184 -4.57 -9.36 -26.60
CA THR B 184 -4.37 -10.22 -25.44
C THR B 184 -5.74 -10.79 -25.05
N TRP B 185 -5.77 -12.11 -24.92
CA TRP B 185 -6.98 -12.85 -24.73
C TRP B 185 -6.82 -14.02 -23.78
N ILE B 186 -7.87 -14.30 -23.01
CA ILE B 186 -8.00 -15.54 -22.23
C ILE B 186 -8.58 -16.67 -23.09
N ASN B 187 -9.58 -16.31 -23.89
CA ASN B 187 -10.14 -17.16 -24.93
C ASN B 187 -9.88 -16.44 -26.23
N VAL B 188 -9.10 -17.05 -27.10
CA VAL B 188 -8.71 -16.44 -28.37
C VAL B 188 -9.94 -16.45 -29.30
N PRO B 189 -10.34 -15.27 -29.81
CA PRO B 189 -11.53 -15.30 -30.64
C PRO B 189 -11.16 -15.72 -32.08
N PRO B 190 -12.16 -16.15 -32.89
CA PRO B 190 -11.90 -16.60 -34.26
C PRO B 190 -11.03 -15.66 -35.15
N ALA B 191 -11.23 -14.35 -35.04
CA ALA B 191 -10.45 -13.37 -35.80
C ALA B 191 -8.93 -13.34 -35.48
N GLU B 192 -8.53 -13.90 -34.34
CA GLU B 192 -7.13 -13.97 -33.96
C GLU B 192 -6.50 -15.37 -34.10
N GLU B 193 -7.28 -16.35 -34.54
CA GLU B 193 -6.74 -17.70 -34.72
C GLU B 193 -5.56 -17.73 -35.70
N LYS B 194 -5.63 -16.93 -36.76
CA LYS B 194 -4.58 -16.89 -37.79
C LYS B 194 -3.24 -16.34 -37.24
N ASN B 195 -3.32 -15.64 -36.12
CA ASN B 195 -2.15 -15.09 -35.44
C ASN B 195 -1.74 -15.92 -34.23
N TYR B 196 -2.55 -16.92 -33.89
CA TYR B 196 -2.32 -17.70 -32.68
C TYR B 196 -1.29 -18.79 -32.98
N ALA B 197 -0.07 -18.60 -32.48
CA ALA B 197 1.03 -19.55 -32.71
C ALA B 197 0.67 -20.93 -32.16
N TRP B 198 1.20 -21.99 -32.78
CA TRP B 198 1.12 -23.32 -32.22
C TRP B 198 2.26 -23.54 -31.22
N GLY B 199 2.00 -24.31 -30.19
CA GLY B 199 3.05 -24.74 -29.30
C GLY B 199 3.63 -26.03 -29.85
N TYR B 200 4.86 -26.33 -29.47
CA TYR B 200 5.49 -27.57 -29.91
C TYR B 200 6.01 -28.38 -28.76
N ARG B 201 5.51 -29.61 -28.66
CA ARG B 201 5.93 -30.57 -27.66
C ARG B 201 6.14 -31.93 -28.34
N GLU B 202 7.39 -32.41 -28.32
CA GLU B 202 7.84 -33.59 -29.08
C GLU B 202 7.42 -33.45 -30.55
N GLY B 203 7.79 -32.32 -31.16
CA GLY B 203 7.47 -32.04 -32.56
C GLY B 203 6.00 -31.82 -32.90
N LYS B 204 5.12 -32.33 -32.05
CA LYS B 204 3.67 -32.21 -32.23
C LYS B 204 3.14 -30.80 -31.90
N ALA B 205 2.33 -30.22 -32.79
CA ALA B 205 1.72 -28.90 -32.59
C ALA B 205 0.57 -28.94 -31.56
N VAL B 206 0.73 -28.21 -30.45
CA VAL B 206 -0.27 -28.24 -29.37
C VAL B 206 -0.72 -26.84 -28.91
N HIS B 207 -1.97 -26.77 -28.42
CA HIS B 207 -2.48 -25.63 -27.66
C HIS B 207 -2.85 -26.13 -26.28
N VAL B 208 -2.88 -25.25 -25.28
CA VAL B 208 -3.23 -25.62 -23.90
C VAL B 208 -4.68 -26.11 -23.84
N SER B 209 -4.94 -27.15 -23.05
CA SER B 209 -6.33 -27.63 -22.94
C SER B 209 -7.06 -27.06 -21.72
N PRO B 210 -8.41 -26.92 -21.80
CA PRO B 210 -9.30 -26.59 -20.70
C PRO B 210 -8.94 -27.29 -19.39
N GLY B 211 -9.04 -26.55 -18.29
CA GLY B 211 -8.78 -27.11 -16.98
C GLY B 211 -9.39 -26.17 -15.97
N ALA B 212 -9.66 -26.70 -14.79
CA ALA B 212 -10.23 -25.90 -13.72
C ALA B 212 -9.26 -24.77 -13.37
N LEU B 213 -9.80 -23.56 -13.31
CA LEU B 213 -9.07 -22.36 -12.86
C LEU B 213 -7.92 -22.07 -13.78
N ASP B 214 -8.12 -22.43 -15.05
CA ASP B 214 -7.11 -22.25 -16.08
C ASP B 214 -6.90 -20.78 -16.42
N ALA B 215 -8.01 -20.05 -16.57
CA ALA B 215 -7.94 -18.63 -16.91
C ALA B 215 -7.10 -17.90 -15.87
N GLU B 216 -7.35 -18.27 -14.62
CA GLU B 216 -6.78 -17.63 -13.44
C GLU B 216 -5.30 -17.97 -13.22
N ALA B 217 -4.89 -19.18 -13.57
CA ALA B 217 -3.55 -19.65 -13.19
C ALA B 217 -2.55 -19.71 -14.34
N TYR B 218 -3.03 -19.83 -15.56
CA TYR B 218 -2.15 -20.02 -16.72
C TYR B 218 -2.83 -19.71 -18.08
N GLY B 219 -3.93 -18.95 -18.06
CA GLY B 219 -4.79 -18.85 -19.26
C GLY B 219 -4.65 -17.75 -20.30
N VAL B 220 -3.69 -16.84 -20.14
CA VAL B 220 -3.59 -15.68 -21.01
C VAL B 220 -2.72 -15.98 -22.23
N LYS B 221 -3.18 -15.54 -23.40
CA LYS B 221 -2.38 -15.57 -24.64
C LYS B 221 -2.14 -14.14 -25.02
N SER B 222 -0.93 -13.83 -25.46
CA SER B 222 -0.62 -12.45 -25.77
C SER B 222 0.49 -12.34 -26.86
N THR B 223 0.64 -11.16 -27.42
CA THR B 223 1.65 -10.89 -28.44
C THR B 223 2.86 -10.19 -27.79
N ILE B 224 3.96 -10.07 -28.53
CA ILE B 224 5.14 -9.46 -27.97
C ILE B 224 4.93 -7.95 -27.73
N GLU B 225 4.15 -7.32 -28.60
CA GLU B 225 3.83 -5.92 -28.44
C GLU B 225 3.02 -5.69 -27.17
N ASP B 226 1.96 -6.47 -26.99
CA ASP B 226 1.12 -6.33 -25.80
C ASP B 226 1.94 -6.61 -24.55
N MET B 227 2.80 -7.62 -24.60
CA MET B 227 3.65 -7.94 -23.43
C MET B 227 4.65 -6.83 -23.12
N ALA B 228 5.14 -6.14 -24.14
CA ALA B 228 6.04 -5.01 -23.94
C ALA B 228 5.30 -3.91 -23.19
N ARG B 229 4.03 -3.69 -23.55
CA ARG B 229 3.19 -2.72 -22.87
C ARG B 229 2.88 -3.16 -21.44
N TRP B 230 2.62 -4.45 -21.23
CA TRP B 230 2.53 -5.04 -19.86
C TRP B 230 3.75 -4.74 -18.97
N VAL B 231 4.94 -4.89 -19.52
CA VAL B 231 6.18 -4.59 -18.78
C VAL B 231 6.27 -3.10 -18.50
N GLN B 232 5.93 -2.28 -19.49
CA GLN B 232 6.02 -0.84 -19.38
C GLN B 232 5.09 -0.37 -18.31
N SER B 233 3.92 -1.00 -18.26
CA SER B 233 2.89 -0.66 -17.28
C SER B 233 3.31 -1.04 -15.88
N ASN B 234 3.99 -2.17 -15.74
CA ASN B 234 4.45 -2.62 -14.42
C ASN B 234 5.75 -1.94 -13.98
N LEU B 235 6.55 -1.51 -14.96
CA LEU B 235 7.74 -0.72 -14.73
C LEU B 235 7.41 0.66 -14.16
N LYS B 236 6.41 1.32 -14.73
CA LYS B 236 5.96 2.61 -14.19
C LYS B 236 4.47 2.75 -14.06
N PRO B 237 3.90 2.26 -12.94
CA PRO B 237 2.46 2.33 -12.71
C PRO B 237 1.93 3.78 -12.71
N LEU B 238 2.80 4.75 -12.41
CA LEU B 238 2.39 6.15 -12.25
C LEU B 238 1.89 6.78 -13.53
N ASP B 239 2.29 6.22 -14.67
CA ASP B 239 1.80 6.69 -15.95
C ASP B 239 0.42 6.19 -16.36
N ILE B 240 -0.19 5.35 -15.52
CA ILE B 240 -1.51 4.75 -15.79
C ILE B 240 -2.64 5.64 -15.24
N ASN B 241 -3.52 6.10 -16.13
CA ASN B 241 -4.62 7.02 -15.77
C ASN B 241 -5.62 6.42 -14.79
N GLU B 242 -5.95 5.15 -15.00
CA GLU B 242 -6.94 4.46 -14.18
C GLU B 242 -6.37 4.23 -12.78
N LYS B 243 -6.93 4.93 -11.80
CA LYS B 243 -6.34 5.03 -10.46
C LYS B 243 -6.34 3.71 -9.68
N THR B 244 -7.43 2.96 -9.74
CA THR B 244 -7.44 1.65 -9.09
C THR B 244 -6.44 0.67 -9.76
N LEU B 245 -6.23 0.80 -11.08
CA LEU B 245 -5.30 -0.08 -11.79
C LEU B 245 -3.84 0.30 -11.48
N GLN B 246 -3.56 1.60 -11.45
CA GLN B 246 -2.29 2.13 -10.96
C GLN B 246 -1.98 1.52 -9.58
N GLN B 247 -2.90 1.66 -8.65
CA GLN B 247 -2.76 1.10 -7.31
C GLN B 247 -2.63 -0.44 -7.32
N GLY B 248 -3.42 -1.10 -8.14
CA GLY B 248 -3.36 -2.55 -8.26
C GLY B 248 -2.00 -3.09 -8.65
N ILE B 249 -1.40 -2.49 -9.68
CA ILE B 249 -0.04 -2.82 -10.13
C ILE B 249 1.02 -2.65 -9.04
N GLN B 250 0.90 -1.58 -8.27
CA GLN B 250 1.79 -1.36 -7.13
C GLN B 250 1.55 -2.38 -6.02
N LEU B 251 0.29 -2.75 -5.77
CA LEU B 251 0.02 -3.77 -4.74
C LEU B 251 0.59 -5.15 -5.10
N ALA B 252 0.58 -5.46 -6.39
CA ALA B 252 1.10 -6.72 -6.90
C ALA B 252 2.63 -6.83 -6.74
N GLN B 253 3.32 -5.70 -6.66
CA GLN B 253 4.75 -5.72 -6.38
C GLN B 253 5.11 -5.43 -4.94
N SER B 254 4.12 -5.33 -4.06
CA SER B 254 4.44 -5.26 -2.64
C SER B 254 5.08 -6.59 -2.19
N ARG B 255 5.95 -6.54 -1.19
CA ARG B 255 6.64 -7.74 -0.69
C ARG B 255 5.93 -8.26 0.54
N TYR B 256 5.23 -9.40 0.38
CA TYR B 256 4.36 -9.94 1.41
C TYR B 256 5.05 -10.98 2.28
N TRP B 257 5.97 -11.73 1.65
CA TRP B 257 6.69 -12.84 2.27
C TRP B 257 8.09 -12.89 1.75
N GLN B 258 9.00 -13.35 2.58
CA GLN B 258 10.32 -13.60 2.09
C GLN B 258 10.71 -15.06 2.33
N THR B 259 11.35 -15.62 1.32
CA THR B 259 12.00 -16.92 1.38
C THR B 259 13.36 -16.79 0.69
N GLY B 260 14.40 -16.91 1.52
CA GLY B 260 15.75 -16.70 1.05
C GLY B 260 15.94 -15.28 0.58
N ASP B 261 16.40 -15.12 -0.66
CA ASP B 261 16.59 -13.78 -1.19
C ASP B 261 15.42 -13.34 -2.11
N MET B 262 14.34 -14.11 -2.09
CA MET B 262 13.16 -13.78 -2.90
C MET B 262 11.97 -13.28 -2.07
N TYR B 263 11.15 -12.44 -2.68
CA TYR B 263 9.97 -11.91 -2.03
C TYR B 263 8.76 -12.23 -2.89
N GLN B 264 7.69 -12.70 -2.28
CA GLN B 264 6.47 -13.02 -3.02
C GLN B 264 5.57 -11.77 -3.16
N GLY B 265 5.25 -11.34 -4.39
CA GLY B 265 4.23 -10.31 -4.61
C GLY B 265 2.89 -10.99 -4.90
N LEU B 266 2.01 -10.34 -5.64
CA LEU B 266 0.79 -11.03 -6.11
C LEU B 266 1.07 -11.37 -7.56
N GLY B 267 1.35 -12.64 -7.86
CA GLY B 267 1.81 -13.03 -9.19
C GLY B 267 3.30 -12.78 -9.44
N TRP B 268 3.73 -11.52 -9.35
CA TRP B 268 5.13 -11.19 -9.49
C TRP B 268 5.95 -11.76 -8.32
N GLU B 269 7.18 -12.18 -8.61
CA GLU B 269 8.17 -12.45 -7.55
C GLU B 269 9.31 -11.43 -7.71
N MET B 270 9.98 -11.11 -6.62
CA MET B 270 10.92 -9.98 -6.63
C MET B 270 12.16 -10.31 -5.82
N LEU B 271 13.29 -9.74 -6.25
CA LEU B 271 14.54 -9.88 -5.53
C LEU B 271 15.13 -8.49 -5.58
N ASP B 272 15.94 -8.14 -4.58
CA ASP B 272 16.67 -6.86 -4.65
C ASP B 272 17.65 -6.81 -5.82
N TRP B 273 17.70 -5.66 -6.49
CA TRP B 273 18.73 -5.40 -7.50
C TRP B 273 19.92 -4.69 -6.82
N PRO B 274 21.17 -5.09 -7.14
CA PRO B 274 21.52 -6.15 -8.09
C PRO B 274 21.32 -7.54 -7.50
N VAL B 275 21.01 -8.49 -8.36
CA VAL B 275 20.80 -9.87 -7.95
C VAL B 275 22.07 -10.67 -8.16
N ASN B 276 22.20 -11.79 -7.45
CA ASN B 276 23.14 -12.83 -7.89
C ASN B 276 22.48 -13.63 -9.00
N PRO B 277 23.03 -13.57 -10.22
CA PRO B 277 22.45 -14.27 -11.34
C PRO B 277 22.29 -15.76 -11.08
N ASP B 278 23.27 -16.39 -10.42
CA ASP B 278 23.20 -17.82 -10.09
C ASP B 278 21.98 -18.13 -9.24
N SER B 279 21.62 -17.19 -8.37
CA SER B 279 20.45 -17.30 -7.52
C SER B 279 19.12 -17.32 -8.30
N ILE B 280 18.90 -16.38 -9.20
CA ILE B 280 17.68 -16.43 -10.01
C ILE B 280 17.74 -17.53 -11.05
N ILE B 281 18.93 -17.81 -11.60
CA ILE B 281 19.09 -18.87 -12.60
C ILE B 281 18.79 -20.23 -11.98
N ASN B 282 19.53 -20.59 -10.93
CA ASN B 282 19.28 -21.88 -10.26
C ASN B 282 17.93 -21.94 -9.56
N GLY B 283 17.47 -20.82 -9.01
CA GLY B 283 16.19 -20.79 -8.31
C GLY B 283 14.99 -20.97 -9.20
N SER B 284 15.16 -20.71 -10.50
CA SER B 284 14.10 -20.91 -11.48
C SER B 284 13.91 -22.37 -11.89
N ASP B 285 14.88 -23.22 -11.58
CA ASP B 285 14.75 -24.66 -11.82
C ASP B 285 13.58 -25.14 -10.99
N ASN B 286 12.70 -25.95 -11.59
CA ASN B 286 11.51 -26.47 -10.87
C ASN B 286 11.77 -27.28 -9.60
N LYS B 287 12.94 -27.91 -9.47
CA LYS B 287 13.22 -28.64 -8.22
C LYS B 287 13.30 -27.67 -7.04
N ILE B 288 13.64 -26.41 -7.31
CA ILE B 288 13.61 -25.37 -6.26
C ILE B 288 12.29 -24.60 -6.30
N ALA B 289 11.92 -24.10 -7.47
CA ALA B 289 10.78 -23.20 -7.66
C ALA B 289 9.46 -23.86 -7.26
N LEU B 290 9.40 -25.18 -7.31
CA LEU B 290 8.19 -25.92 -6.95
C LEU B 290 8.24 -26.57 -5.58
N ALA B 291 9.31 -26.33 -4.83
CA ALA B 291 9.46 -26.94 -3.52
C ALA B 291 8.89 -26.06 -2.42
N ALA B 292 8.42 -26.68 -1.33
CA ALA B 292 7.94 -25.92 -0.19
C ALA B 292 9.14 -25.23 0.46
N ARG B 293 8.97 -23.97 0.83
CA ARG B 293 9.99 -23.23 1.56
C ARG B 293 9.34 -22.46 2.72
N PRO B 294 10.01 -22.36 3.91
CA PRO B 294 9.41 -21.58 4.98
C PRO B 294 9.38 -20.10 4.58
N VAL B 295 8.36 -19.37 5.03
CA VAL B 295 8.31 -17.94 4.71
C VAL B 295 8.34 -17.15 5.97
N LYS B 296 8.96 -15.97 5.89
CA LYS B 296 8.86 -14.94 6.91
C LYS B 296 7.87 -13.88 6.45
N ALA B 297 6.86 -13.63 7.28
CA ALA B 297 5.89 -12.55 7.03
C ALA B 297 6.63 -11.24 7.02
N ILE B 298 6.26 -10.40 6.06
CA ILE B 298 6.75 -9.02 6.07
C ILE B 298 5.59 -8.19 6.57
N THR B 299 5.70 -7.77 7.82
CA THR B 299 4.58 -7.21 8.60
C THR B 299 4.85 -5.72 8.92
N PRO B 300 4.31 -4.79 8.12
CA PRO B 300 3.45 -4.98 6.95
C PRO B 300 4.25 -5.06 5.67
N PRO B 301 3.59 -5.42 4.57
CA PRO B 301 4.27 -5.59 3.30
C PRO B 301 5.03 -4.35 2.94
N THR B 302 6.19 -4.52 2.33
CA THR B 302 6.95 -3.39 1.87
C THR B 302 6.34 -2.96 0.54
N PRO B 303 6.11 -1.64 0.36
CA PRO B 303 5.57 -1.19 -0.93
C PRO B 303 6.59 -1.48 -2.01
N ALA B 304 6.15 -1.58 -3.26
CA ALA B 304 7.03 -1.92 -4.38
C ALA B 304 8.38 -1.20 -4.27
N VAL B 305 9.45 -2.00 -4.28
CA VAL B 305 10.80 -1.49 -4.25
C VAL B 305 11.29 -1.25 -5.69
N ARG B 306 11.66 -0.01 -5.99
CA ARG B 306 12.12 0.31 -7.33
C ARG B 306 13.38 -0.49 -7.73
N ALA B 307 14.38 -0.56 -6.85
CA ALA B 307 15.52 -1.37 -7.18
C ALA B 307 15.26 -2.86 -6.93
N SER B 308 14.46 -3.46 -7.84
CA SER B 308 14.11 -4.87 -7.77
C SER B 308 14.30 -5.53 -9.12
N TRP B 309 14.63 -6.81 -9.07
CA TRP B 309 14.52 -7.63 -10.24
C TRP B 309 13.12 -8.21 -10.04
N VAL B 310 12.18 -7.85 -10.93
CA VAL B 310 10.81 -8.33 -10.80
C VAL B 310 10.59 -9.32 -11.93
N HIS B 311 10.09 -10.53 -11.63
CA HIS B 311 10.03 -11.54 -12.69
C HIS B 311 8.98 -12.62 -12.52
N LYS B 312 8.74 -13.37 -13.60
CA LYS B 312 7.89 -14.55 -13.55
C LYS B 312 8.20 -15.46 -14.76
N THR B 313 8.39 -16.75 -14.49
CA THR B 313 8.45 -17.79 -15.55
C THR B 313 7.03 -18.30 -15.86
N GLY B 314 6.82 -18.77 -17.07
CA GLY B 314 5.54 -19.39 -17.40
C GLY B 314 5.70 -20.46 -18.45
N ALA B 315 4.96 -21.56 -18.31
CA ALA B 315 4.95 -22.59 -19.33
C ALA B 315 3.52 -23.10 -19.56
N THR B 316 3.28 -23.58 -20.77
CA THR B 316 2.26 -24.57 -21.03
C THR B 316 2.96 -25.75 -21.70
N GLY B 317 2.18 -26.73 -22.17
CA GLY B 317 2.72 -27.91 -22.83
C GLY B 317 3.64 -27.54 -23.98
N GLY B 318 3.24 -26.55 -24.76
CA GLY B 318 4.01 -26.22 -25.93
C GLY B 318 4.66 -24.85 -25.90
N PHE B 319 4.69 -24.19 -24.73
CA PHE B 319 5.21 -22.81 -24.70
C PHE B 319 6.11 -22.53 -23.51
N GLY B 320 6.94 -21.51 -23.66
CA GLY B 320 7.85 -21.13 -22.61
C GLY B 320 7.98 -19.64 -22.64
N SER B 321 7.66 -19.00 -21.53
CA SER B 321 7.69 -17.55 -21.46
C SER B 321 8.47 -17.06 -20.27
N TYR B 322 8.95 -15.83 -20.37
CA TYR B 322 9.66 -15.24 -19.26
C TYR B 322 9.56 -13.74 -19.35
N VAL B 323 9.36 -13.14 -18.19
CA VAL B 323 9.25 -11.68 -18.08
C VAL B 323 10.12 -11.25 -16.89
N ALA B 324 10.96 -10.23 -17.08
CA ALA B 324 11.78 -9.65 -15.99
C ALA B 324 11.95 -8.14 -16.23
N PHE B 325 11.93 -7.35 -15.15
CA PHE B 325 12.15 -5.92 -15.27
C PHE B 325 12.74 -5.32 -14.01
N ILE B 326 13.41 -4.18 -14.18
CA ILE B 326 14.05 -3.47 -13.09
C ILE B 326 13.53 -2.03 -13.11
N PRO B 327 12.51 -1.74 -12.27
CA PRO B 327 11.84 -0.42 -12.27
C PRO B 327 12.77 0.79 -12.19
N GLU B 328 13.76 0.70 -11.31
CA GLU B 328 14.76 1.73 -11.06
C GLU B 328 15.52 2.11 -12.35
N LYS B 329 15.70 1.13 -13.25
CA LYS B 329 16.47 1.30 -14.48
C LYS B 329 15.62 1.46 -15.74
N GLU B 330 14.30 1.43 -15.58
CA GLU B 330 13.36 1.57 -16.69
C GLU B 330 13.69 0.54 -17.78
N LEU B 331 14.04 -0.66 -17.31
CA LEU B 331 14.59 -1.71 -18.14
C LEU B 331 13.83 -3.00 -17.93
N GLY B 332 13.52 -3.71 -19.01
CA GLY B 332 12.83 -4.98 -18.88
C GLY B 332 12.95 -5.85 -20.11
N ILE B 333 12.48 -7.09 -20.00
CA ILE B 333 12.56 -8.01 -21.14
C ILE B 333 11.39 -8.99 -21.13
N VAL B 334 10.86 -9.29 -22.31
CA VAL B 334 9.90 -10.39 -22.48
C VAL B 334 10.43 -11.36 -23.49
N MET B 335 10.41 -12.64 -23.15
CA MET B 335 10.82 -13.69 -24.07
C MET B 335 9.69 -14.69 -24.18
N LEU B 336 9.09 -14.77 -25.37
CA LEU B 336 8.01 -15.72 -25.67
C LEU B 336 8.49 -16.71 -26.72
N ALA B 337 8.36 -17.99 -26.41
CA ALA B 337 8.78 -19.03 -27.33
C ALA B 337 7.71 -20.11 -27.39
N ASN B 338 7.54 -20.69 -28.57
CA ASN B 338 6.53 -21.72 -28.76
C ASN B 338 7.09 -23.12 -28.63
N LYS B 339 7.98 -23.24 -27.63
CA LYS B 339 8.46 -24.49 -27.07
C LYS B 339 8.71 -24.30 -25.56
N ASN B 340 8.37 -25.29 -24.75
CA ASN B 340 8.67 -25.29 -23.31
C ASN B 340 10.09 -25.79 -22.94
N TYR B 341 11.06 -24.88 -23.02
CA TYR B 341 12.43 -25.20 -22.71
C TYR B 341 12.76 -24.74 -21.28
N PRO B 342 13.78 -25.39 -20.63
CA PRO B 342 14.10 -25.16 -19.20
C PRO B 342 14.19 -23.70 -18.72
N ASN B 343 13.57 -23.44 -17.57
CA ASN B 343 13.61 -22.12 -16.96
C ASN B 343 15.02 -21.50 -16.87
N PRO B 344 16.02 -22.26 -16.35
CA PRO B 344 17.34 -21.60 -16.19
C PRO B 344 17.93 -21.02 -17.50
N ALA B 345 17.68 -21.69 -18.63
CA ALA B 345 18.11 -21.17 -19.91
C ALA B 345 17.46 -19.80 -20.20
N ARG B 346 16.17 -19.65 -19.87
CA ARG B 346 15.51 -18.34 -20.03
C ARG B 346 16.11 -17.29 -19.13
N VAL B 347 16.23 -17.62 -17.85
CA VAL B 347 16.67 -16.63 -16.89
C VAL B 347 18.11 -16.22 -17.21
N ASP B 348 18.94 -17.20 -17.58
CA ASP B 348 20.32 -16.92 -17.96
C ASP B 348 20.40 -15.91 -19.11
N ALA B 349 19.70 -16.20 -20.20
CA ALA B 349 19.67 -15.30 -21.37
C ALA B 349 19.15 -13.92 -20.99
N ALA B 350 18.07 -13.86 -20.21
CA ALA B 350 17.47 -12.57 -19.81
C ALA B 350 18.44 -11.73 -19.00
N TRP B 351 19.08 -12.37 -18.02
CA TRP B 351 20.14 -11.74 -17.25
C TRP B 351 21.30 -11.20 -18.12
N GLN B 352 21.80 -11.99 -19.07
CA GLN B 352 22.89 -11.56 -19.95
C GLN B 352 22.53 -10.26 -20.69
N ILE B 353 21.29 -10.20 -21.16
CA ILE B 353 20.83 -9.02 -21.86
C ILE B 353 20.67 -7.82 -20.93
N LEU B 354 19.93 -8.02 -19.83
CA LEU B 354 19.59 -6.87 -19.01
C LEU B 354 20.84 -6.37 -18.28
N ASN B 355 21.72 -7.29 -17.90
CA ASN B 355 22.96 -6.90 -17.25
C ASN B 355 23.85 -6.05 -18.15
N ALA B 356 23.86 -6.37 -19.43
CA ALA B 356 24.63 -5.64 -20.44
C ALA B 356 24.12 -4.22 -20.68
N LEU B 357 22.83 -4.01 -20.39
CA LEU B 357 22.16 -2.76 -20.71
C LEU B 357 21.93 -1.84 -19.51
N GLN B 358 22.12 -2.38 -18.31
CA GLN B 358 21.88 -1.62 -17.05
C GLN B 358 22.96 -0.56 -16.85
O24 SM4 C . -6.28 16.29 28.83
C22 SM4 C . -6.27 16.62 27.63
O23 SM4 C . -7.16 17.36 27.18
C21 SM4 C . -5.20 16.14 26.75
CAU SM4 C . -4.51 15.05 27.11
CAR SM4 C . -3.37 14.48 26.37
CAQ SM4 C . -2.88 15.02 25.18
CAS SM4 C . -2.77 13.36 26.92
CAN SM4 C . -1.70 12.76 26.28
CAM SM4 C . -1.20 13.27 25.09
CAL SM4 C . -1.79 14.40 24.57
CAK SM4 C . -1.25 14.91 23.30
B SM4 C . -2.51 14.78 22.33
OAT SM4 C . -3.34 13.48 22.32
OAO SM4 C . -3.18 16.07 21.86
N SM4 C . -0.80 16.28 23.51
CAH SM4 C . 0.21 16.54 24.34
OAI SM4 C . 0.86 15.69 24.95
CAG SM4 C . 0.53 18.00 24.45
CAE SM4 C . 0.24 18.54 25.81
CAF SM4 C . 0.98 19.33 26.67
CAC SM4 C . 0.29 19.61 27.85
CAB SM4 C . -0.99 19.07 27.98
SAD SM4 C . -1.30 18.20 26.52
P PO4 D . -5.11 14.40 22.28
O1 PO4 D . -4.78 13.22 21.40
O2 PO4 D . -5.13 13.96 23.73
O3 PO4 D . -4.08 15.47 22.10
O4 PO4 D . -6.47 14.94 21.90
P PO4 E . 3.36 36.26 4.38
O1 PO4 E . 3.81 35.20 3.38
O2 PO4 E . 3.67 35.81 5.79
O3 PO4 E . 4.11 37.55 4.09
O4 PO4 E . 1.87 36.49 4.19
O24 SM4 F . 7.19 -28.57 -17.75
C22 SM4 F . 7.43 -28.55 -16.52
O23 SM4 F . 8.49 -29.02 -16.04
C21 SM4 F . 6.43 -27.96 -15.59
CAU SM4 F . 5.71 -26.86 -15.85
CAR SM4 F . 4.70 -26.35 -14.88
CAQ SM4 F . 3.94 -25.20 -15.16
CAS SM4 F . 4.49 -27.00 -13.67
CAN SM4 F . 3.55 -26.53 -12.75
CAM SM4 F . 2.81 -25.40 -13.02
CAL SM4 F . 3.00 -24.73 -14.23
CAK SM4 F . 2.20 -23.52 -14.53
B SM4 F . 3.18 -22.24 -14.54
OAT SM4 F . 4.16 -22.10 -13.37
OAO SM4 F . 3.85 -21.95 -15.89
N SM4 F . 1.57 -23.74 -15.82
CAH SM4 F . 0.59 -24.63 -16.02
OAI SM4 F . 0.09 -25.35 -15.18
CAG SM4 F . 0.12 -24.72 -17.46
CAE SM4 F . 0.87 -25.92 -17.99
CAF SM4 F . 2.16 -26.41 -17.85
CAC SM4 F . 2.36 -27.60 -18.55
CAB SM4 F . 1.24 -28.09 -19.23
SAD SM4 F . -0.08 -26.99 -18.96
#